data_7A3O
#
_entry.id   7A3O
#
_cell.length_a   135.555
_cell.length_b   135.555
_cell.length_c   160.268
_cell.angle_alpha   90.000
_cell.angle_beta   90.000
_cell.angle_gamma   120.000
#
_symmetry.space_group_name_H-M   'P 63 2 2'
#
loop_
_entity.id
_entity.type
_entity.pdbx_description
1 polymer 'Core protein'
2 polymer 'Single chain variable fragment (scFv) from antibody EDE1 C10'
3 polymer 'Single chain variable fragment (scFv) from antibody EDE1 C10'
4 branched alpha-L-fucopyranose-(1-6)-2-acetamido-2-deoxy-beta-D-glucopyranose
5 non-polymer GLYCEROL
6 non-polymer 'SULFATE ION'
7 water water
#
loop_
_entity_poly.entity_id
_entity_poly.type
_entity_poly.pdbx_seq_one_letter_code
_entity_poly.pdbx_strand_id
1 'polypeptide(L)'
;MRCVGIGNRDFVEGLSGATWVDVVLEHGSCVTTMAKNKPTLDIELLKTEVTNPAVLRKLCIEAKISNTTTDSRCPTQGEA
TLVEEQDANFVCRRTVVDRGWGNGCGLFGKGSLLTCAKFKCVTKLEGKIVQYENLKYSVIVTVHTGDQHQVGNETTEHGT
IATITPQAPTSEIQLTDYGTLTLDCSPRTGLDFNEVVLLTMKEKSWLVHKQWFLDLPLPWTSGASTSQETWNRQDLLVTF
KTAHAKKQEVVVLGSQEGAMHTALTGATEIQTSGTTTIFAGHLKCRLKMDKLTLKGMSYVMCTGSFKLEKEVAETQHGTV
LVQVKYEGTDAPCKIPFSTQDEKGVTQNGRLITANPIVTDKEKPINIETEPPFGESYIIVGAGEKALKLSWFKKGAADDD
DKAGWSHPQFEKGGGSGGGSGGGSWSHPQFEK
;
A
2 'polypeptide(L)'
;MAEVQLVESGAEVKKPGASVKVSCKASGYTFTSYAMHWVRQAPGQRLEWMGWINAGNGNTKYSQKFQDRVTITRDTSAST
AYMELSSLRSEDTAIYYCARDKVDDYGDYWFPTLWYFDYWGQGTLVTVSSGTGGSGGGGSGGGG
;
H
3 'polypeptide(L)'
;SGGGASQSALTQPASVSGSPGQSITISCTGTSSDVGGFNYVSWFQQHPGKAPKLMLYDVTSRPSGVSSRFSGSKSGNTAS
LTISGLQAEDEADYYCSSHTSRGTWVFGGGTKLTVLAAADDDDKAGWSHPQFEKGGGSGGGSGGGSWSHPQFEK
;
L
#
loop_
_chem_comp.id
_chem_comp.type
_chem_comp.name
_chem_comp.formula
FUC L-saccharide, alpha linking alpha-L-fucopyranose 'C6 H12 O5'
GOL non-polymer GLYCEROL 'C3 H8 O3'
NAG D-saccharide, beta linking 2-acetamido-2-deoxy-beta-D-glucopyranose 'C8 H15 N O6'
SO4 non-polymer 'SULFATE ION' 'O4 S -2'
#
# COMPACT_ATOMS: atom_id res chain seq x y z
N MET A 1 -13.05 8.42 -9.85
CA MET A 1 -13.56 7.08 -9.60
C MET A 1 -12.68 6.41 -8.58
N ARG A 2 -13.01 6.57 -7.30
CA ARG A 2 -12.21 6.00 -6.25
C ARG A 2 -12.90 4.89 -5.47
N CYS A 3 -14.22 4.83 -5.48
CA CYS A 3 -14.94 3.82 -4.71
C CYS A 3 -15.65 2.78 -5.58
N VAL A 4 -15.70 3.00 -6.90
CA VAL A 4 -16.43 2.08 -7.78
C VAL A 4 -15.85 0.67 -7.71
N GLY A 5 -14.53 0.57 -7.55
CA GLY A 5 -13.92 -0.74 -7.43
C GLY A 5 -14.12 -1.37 -6.06
N ILE A 6 -14.35 -0.55 -5.03
CA ILE A 6 -14.48 -1.05 -3.67
C ILE A 6 -15.85 -1.69 -3.49
N GLY A 7 -15.89 -2.78 -2.73
CA GLY A 7 -17.15 -3.43 -2.42
C GLY A 7 -17.87 -2.79 -1.25
N ASN A 8 -17.11 -2.45 -0.21
CA ASN A 8 -17.68 -1.79 0.98
C ASN A 8 -17.85 -0.31 0.65
N ARG A 9 -18.89 -0.02 -0.12
CA ARG A 9 -19.15 1.31 -0.64
C ARG A 9 -20.54 1.77 -0.22
N ASP A 10 -20.66 3.05 0.12
CA ASP A 10 -21.93 3.62 0.58
C ASP A 10 -22.27 4.83 -0.26
N PHE A 11 -23.55 4.93 -0.62
CA PHE A 11 -24.08 6.09 -1.34
C PHE A 11 -24.88 6.95 -0.37
N VAL A 12 -24.57 8.24 -0.33
CA VAL A 12 -25.28 9.19 0.52
C VAL A 12 -25.77 10.31 -0.39
N GLU A 13 -27.08 10.44 -0.52
CA GLU A 13 -27.70 11.47 -1.35
C GLU A 13 -28.43 12.45 -0.46
N GLY A 14 -28.24 13.74 -0.72
CA GLY A 14 -28.98 14.77 0.00
C GLY A 14 -30.36 14.95 -0.59
N LEU A 15 -31.33 15.21 0.29
CA LEU A 15 -32.69 15.45 -0.14
C LEU A 15 -32.77 16.83 -0.81
N SER A 16 -33.96 17.15 -1.33
CA SER A 16 -34.16 18.26 -2.26
C SER A 16 -33.51 19.56 -1.78
N GLY A 17 -32.71 20.17 -2.66
CA GLY A 17 -32.14 21.47 -2.41
C GLY A 17 -31.20 21.53 -1.22
N ALA A 18 -30.54 20.42 -0.90
CA ALA A 18 -29.58 20.40 0.19
C ALA A 18 -28.21 20.83 -0.29
N THR A 19 -27.56 21.70 0.47
CA THR A 19 -26.21 22.16 0.21
C THR A 19 -25.16 21.28 0.88
N TRP A 20 -25.59 20.24 1.58
CA TRP A 20 -24.76 19.55 2.57
C TRP A 20 -25.20 18.11 2.66
N VAL A 21 -24.27 17.25 3.08
CA VAL A 21 -24.63 15.89 3.47
C VAL A 21 -23.81 15.44 4.68
N ASP A 22 -24.46 14.74 5.60
CA ASP A 22 -23.77 14.03 6.68
C ASP A 22 -23.30 12.67 6.19
N VAL A 23 -22.05 12.33 6.53
CA VAL A 23 -21.47 11.03 6.21
C VAL A 23 -20.81 10.47 7.47
N VAL A 24 -20.68 9.15 7.47
CA VAL A 24 -19.98 8.40 8.51
C VAL A 24 -18.83 7.68 7.84
N LEU A 25 -17.63 7.84 8.39
CA LEU A 25 -16.41 7.30 7.77
C LEU A 25 -15.83 6.23 8.68
N GLU A 26 -15.81 5.00 8.19
CA GLU A 26 -15.12 3.89 8.82
C GLU A 26 -13.99 3.45 7.90
N HIS A 27 -13.01 2.76 8.48
CA HIS A 27 -11.89 2.26 7.69
C HIS A 27 -12.35 1.16 6.74
N GLY A 28 -11.73 1.12 5.56
CA GLY A 28 -12.12 0.17 4.54
C GLY A 28 -13.47 0.43 3.92
N SER A 29 -14.07 1.59 4.19
CA SER A 29 -15.36 1.97 3.63
C SER A 29 -15.22 3.28 2.87
N CYS A 30 -15.67 3.28 1.62
CA CYS A 30 -15.58 4.41 0.69
C CYS A 30 -17.00 4.94 0.48
N VAL A 31 -17.19 6.26 0.59
CA VAL A 31 -18.52 6.86 0.53
C VAL A 31 -18.58 7.83 -0.62
N THR A 32 -19.59 7.70 -1.48
CA THR A 32 -19.81 8.69 -2.54
C THR A 32 -21.04 9.53 -2.19
N THR A 33 -20.81 10.84 -2.07
CA THR A 33 -21.83 11.82 -1.72
C THR A 33 -22.36 12.50 -2.97
N MET A 34 -23.67 12.72 -3.00
CA MET A 34 -24.35 13.32 -4.14
C MET A 34 -25.32 14.39 -3.64
N ALA A 35 -25.48 15.43 -4.46
CA ALA A 35 -26.49 16.45 -4.26
C ALA A 35 -26.87 16.98 -5.64
N LYS A 36 -28.16 17.28 -5.82
CA LYS A 36 -28.61 17.72 -7.13
C LYS A 36 -27.96 19.06 -7.48
N ASN A 37 -27.61 19.21 -8.77
CA ASN A 37 -26.87 20.38 -9.26
C ASN A 37 -25.54 20.56 -8.54
N LYS A 38 -24.92 19.46 -8.12
CA LYS A 38 -23.64 19.47 -7.44
C LYS A 38 -22.78 18.34 -8.00
N PRO A 39 -21.45 18.47 -7.94
CA PRO A 39 -20.60 17.33 -8.28
C PRO A 39 -20.79 16.21 -7.28
N THR A 40 -20.56 14.99 -7.73
CA THR A 40 -20.53 13.84 -6.85
C THR A 40 -19.10 13.65 -6.35
N LEU A 41 -18.96 13.42 -5.04
CA LEU A 41 -17.64 13.32 -4.44
C LEU A 41 -17.45 11.95 -3.81
N ASP A 42 -16.20 11.55 -3.63
CA ASP A 42 -15.86 10.32 -2.94
C ASP A 42 -14.99 10.67 -1.74
N ILE A 43 -15.30 10.08 -0.59
CA ILE A 43 -14.63 10.41 0.66
C ILE A 43 -14.34 9.13 1.42
N GLU A 44 -13.13 9.04 1.97
CA GLU A 44 -12.74 7.87 2.74
C GLU A 44 -11.78 8.26 3.84
N LEU A 45 -11.96 7.64 5.01
CA LEU A 45 -11.02 7.75 6.12
C LEU A 45 -9.91 6.72 5.91
N LEU A 46 -8.74 7.17 5.44
CA LEU A 46 -7.68 6.23 5.12
C LEU A 46 -7.08 5.62 6.37
N LYS A 47 -6.54 6.47 7.24
CA LYS A 47 -5.93 6.02 8.47
C LYS A 47 -6.20 7.05 9.55
N THR A 48 -6.32 6.58 10.78
CA THR A 48 -6.17 7.42 11.95
C THR A 48 -4.91 6.99 12.67
N GLU A 49 -4.14 7.96 13.13
CA GLU A 49 -2.91 7.67 13.85
C GLU A 49 -2.76 8.65 15.00
N VAL A 50 -2.30 8.15 16.14
CA VAL A 50 -1.93 9.00 17.27
C VAL A 50 -0.43 9.22 17.23
N THR A 51 -0.04 10.48 17.33
CA THR A 51 1.35 10.88 17.43
C THR A 51 1.77 10.86 18.90
N ASN A 52 2.96 10.32 19.15
CA ASN A 52 3.64 10.44 20.43
C ASN A 52 2.85 9.89 21.61
N PRO A 53 2.72 8.57 21.74
CA PRO A 53 2.18 8.00 22.98
C PRO A 53 3.21 8.09 24.09
N ALA A 54 2.80 7.69 25.30
CA ALA A 54 3.72 7.70 26.44
C ALA A 54 3.73 6.34 27.11
N VAL A 55 4.90 5.78 27.35
CA VAL A 55 4.96 4.43 27.90
C VAL A 55 4.46 4.48 29.35
N LEU A 56 3.30 3.87 29.59
CA LEU A 56 2.76 3.84 30.95
C LEU A 56 3.46 2.78 31.78
N ARG A 57 3.73 1.62 31.19
CA ARG A 57 4.24 0.46 31.90
C ARG A 57 4.72 -0.54 30.87
N LYS A 58 5.89 -1.14 31.09
CA LYS A 58 6.36 -2.19 30.22
C LYS A 58 6.36 -3.50 31.01
N LEU A 59 5.57 -4.46 30.55
CA LEU A 59 5.60 -5.82 31.06
C LEU A 59 6.57 -6.66 30.24
N CYS A 60 7.05 -7.75 30.85
CA CYS A 60 8.05 -8.62 30.24
C CYS A 60 7.52 -10.04 30.11
N ILE A 61 7.51 -10.56 28.89
CA ILE A 61 6.90 -11.86 28.62
C ILE A 61 7.92 -13.00 28.52
N GLU A 62 9.21 -12.71 28.40
CA GLU A 62 10.19 -13.79 28.38
C GLU A 62 11.46 -13.32 29.07
N ALA A 63 11.91 -14.10 30.05
CA ALA A 63 13.07 -13.79 30.87
C ALA A 63 14.02 -14.98 30.91
N LYS A 64 15.23 -14.72 31.40
CA LYS A 64 16.24 -15.73 31.64
C LYS A 64 17.08 -15.31 32.84
N ILE A 65 17.84 -16.26 33.39
CA ILE A 65 18.59 -16.02 34.61
C ILE A 65 20.06 -16.38 34.42
N SER A 66 20.87 -15.92 35.36
CA SER A 66 22.32 -16.03 35.28
C SER A 66 22.89 -15.85 36.68
N ASN A 67 24.19 -16.10 36.82
CA ASN A 67 24.96 -15.85 38.05
C ASN A 67 24.23 -16.36 39.30
N THR A 68 23.85 -17.64 39.29
CA THR A 68 23.11 -18.19 40.42
C THR A 68 24.05 -18.43 41.61
N THR A 69 23.69 -17.88 42.76
CA THR A 69 24.48 -18.09 43.97
C THR A 69 23.57 -18.40 45.15
N THR A 70 24.08 -19.24 46.06
CA THR A 70 23.33 -19.65 47.24
C THR A 70 24.18 -19.49 48.50
N ASP A 71 23.52 -19.13 49.60
CA ASP A 71 24.10 -19.08 50.93
C ASP A 71 23.35 -20.05 51.83
N SER A 72 24.07 -20.78 52.68
CA SER A 72 23.41 -21.74 53.54
C SER A 72 24.08 -21.75 54.90
N ARG A 73 23.25 -21.87 55.94
CA ARG A 73 23.72 -21.93 57.32
C ARG A 73 23.14 -23.18 57.97
N CYS A 74 23.85 -23.67 59.01
CA CYS A 74 23.44 -24.86 59.74
C CYS A 74 22.33 -24.50 60.73
N PRO A 75 21.55 -25.49 61.20
CA PRO A 75 20.44 -25.17 62.12
C PRO A 75 20.95 -24.44 63.34
N THR A 76 20.08 -23.63 63.93
CA THR A 76 20.32 -22.80 65.11
C THR A 76 21.12 -21.54 64.73
N GLN A 77 21.65 -21.44 63.52
CA GLN A 77 22.61 -20.40 63.18
C GLN A 77 22.02 -19.32 62.27
N GLY A 78 20.72 -19.05 62.39
CA GLY A 78 20.12 -17.92 61.72
C GLY A 78 19.86 -18.13 60.25
N GLU A 79 19.26 -17.12 59.63
CA GLU A 79 18.90 -17.17 58.22
C GLU A 79 20.10 -16.83 57.35
N ALA A 80 20.07 -17.34 56.12
CA ALA A 80 21.15 -17.14 55.16
C ALA A 80 21.04 -15.77 54.50
N THR A 81 22.20 -15.21 54.13
CA THR A 81 22.30 -13.85 53.61
C THR A 81 23.16 -13.81 52.37
N LEU A 82 22.79 -12.93 51.44
CA LEU A 82 23.57 -12.68 50.24
C LEU A 82 23.47 -11.21 49.87
N VAL A 83 24.61 -10.61 49.51
CA VAL A 83 24.63 -9.19 49.15
C VAL A 83 23.65 -8.90 48.02
N GLU A 84 23.42 -9.88 47.16
CA GLU A 84 22.51 -9.73 46.02
C GLU A 84 21.06 -9.59 46.45
N GLU A 85 20.76 -9.71 47.74
CA GLU A 85 19.37 -9.65 48.18
C GLU A 85 18.77 -8.25 48.08
N GLN A 86 19.60 -7.20 48.02
CA GLN A 86 19.12 -5.86 47.75
C GLN A 86 19.64 -5.32 46.43
N ASP A 87 20.21 -6.19 45.59
CA ASP A 87 20.43 -5.86 44.20
C ASP A 87 19.14 -6.14 43.44
N ALA A 88 18.54 -5.09 42.87
CA ALA A 88 17.21 -5.23 42.28
C ALA A 88 17.20 -6.14 41.06
N ASN A 89 18.36 -6.39 40.45
CA ASN A 89 18.43 -7.27 39.29
C ASN A 89 18.31 -8.73 39.67
N PHE A 90 18.42 -9.07 40.95
CA PHE A 90 18.38 -10.45 41.41
C PHE A 90 16.97 -10.80 41.89
N VAL A 91 16.56 -12.03 41.61
CA VAL A 91 15.36 -12.65 42.16
C VAL A 91 15.81 -13.75 43.11
N CYS A 92 15.13 -13.88 44.25
CA CYS A 92 15.63 -14.69 45.35
C CYS A 92 14.50 -15.39 46.08
N ARG A 93 14.84 -16.51 46.70
CA ARG A 93 13.94 -17.16 47.62
C ARG A 93 14.72 -17.85 48.73
N ARG A 94 14.18 -17.79 49.95
CA ARG A 94 14.74 -18.45 51.11
C ARG A 94 13.90 -19.67 51.46
N THR A 95 14.56 -20.70 52.00
CA THR A 95 13.91 -21.95 52.37
C THR A 95 14.78 -22.65 53.41
N VAL A 96 14.48 -23.92 53.68
CA VAL A 96 15.24 -24.71 54.64
C VAL A 96 15.52 -26.08 54.05
N VAL A 97 16.64 -26.68 54.48
CA VAL A 97 17.08 -27.98 53.98
C VAL A 97 17.56 -28.83 55.16
N ASP A 98 17.70 -30.14 54.89
CA ASP A 98 18.18 -31.07 55.90
C ASP A 98 19.67 -30.88 56.12
N ARG A 99 20.08 -30.89 57.40
CA ARG A 99 21.46 -30.69 57.78
C ARG A 99 21.80 -31.57 58.97
N GLY A 100 23.06 -31.97 59.02
CA GLY A 100 23.55 -32.79 60.12
C GLY A 100 25.05 -32.89 60.09
N TRP A 101 25.58 -33.89 60.82
CA TRP A 101 27.02 -34.11 60.83
C TRP A 101 27.55 -34.36 59.43
N GLY A 102 26.79 -35.05 58.59
CA GLY A 102 27.25 -35.42 57.26
C GLY A 102 27.51 -34.25 56.33
N ASN A 103 26.89 -33.10 56.58
CA ASN A 103 27.15 -31.91 55.79
C ASN A 103 27.70 -30.77 56.66
N GLY A 104 28.48 -31.11 57.68
CA GLY A 104 29.25 -30.14 58.43
C GLY A 104 28.55 -29.43 59.57
N CYS A 105 27.39 -29.91 60.01
CA CYS A 105 26.62 -29.25 61.05
C CYS A 105 26.74 -30.04 62.34
N GLY A 106 27.01 -29.34 63.43
CA GLY A 106 27.02 -30.01 64.72
C GLY A 106 25.66 -30.37 65.27
N LEU A 107 24.58 -29.97 64.59
CA LEU A 107 23.21 -30.24 65.01
C LEU A 107 22.41 -30.74 63.83
N PHE A 108 21.53 -31.71 64.08
CA PHE A 108 20.64 -32.23 63.07
C PHE A 108 19.39 -31.37 63.01
N GLY A 109 18.97 -31.00 61.80
CA GLY A 109 17.70 -30.29 61.67
C GLY A 109 17.66 -29.48 60.39
N LYS A 110 16.72 -28.53 60.37
CA LYS A 110 16.53 -27.67 59.22
C LYS A 110 17.47 -26.48 59.30
N GLY A 111 18.22 -26.24 58.22
CA GLY A 111 19.08 -25.08 58.11
C GLY A 111 18.57 -24.18 57.01
N SER A 112 18.76 -22.87 57.19
CA SER A 112 18.31 -21.91 56.20
C SER A 112 19.17 -22.01 54.94
N LEU A 113 18.56 -21.70 53.80
CA LEU A 113 19.24 -21.74 52.53
C LEU A 113 18.57 -20.72 51.60
N LEU A 114 19.35 -19.76 51.12
CA LEU A 114 18.86 -18.70 50.27
C LEU A 114 19.49 -18.83 48.90
N THR A 115 18.66 -18.70 47.85
CA THR A 115 19.12 -18.80 46.47
C THR A 115 18.72 -17.54 45.71
N CYS A 116 19.70 -16.95 45.00
CA CYS A 116 19.62 -15.69 44.28
C CYS A 116 20.13 -15.85 42.85
N ALA A 117 19.42 -15.29 41.90
CA ALA A 117 19.88 -15.35 40.52
C ALA A 117 19.58 -14.04 39.79
N LYS A 118 20.48 -13.67 38.89
CA LYS A 118 20.33 -12.45 38.10
C LYS A 118 19.15 -12.59 37.14
N PHE A 119 18.22 -11.64 37.19
CA PHE A 119 17.01 -11.66 36.38
C PHE A 119 17.26 -10.81 35.14
N LYS A 120 17.36 -11.46 33.98
CA LYS A 120 17.47 -10.78 32.70
C LYS A 120 16.23 -11.09 31.88
N CYS A 121 15.45 -10.04 31.54
CA CYS A 121 14.25 -10.14 30.72
C CYS A 121 14.60 -10.06 29.24
N VAL A 122 14.23 -11.09 28.48
CA VAL A 122 14.71 -11.23 27.10
C VAL A 122 13.81 -10.49 26.12
N THR A 123 12.50 -10.62 26.27
CA THR A 123 11.61 -9.86 25.40
C THR A 123 10.38 -9.41 26.19
N LYS A 124 9.90 -8.23 25.81
CA LYS A 124 8.94 -7.45 26.57
C LYS A 124 7.91 -6.85 25.62
N LEU A 125 6.75 -6.55 26.19
CA LEU A 125 5.72 -5.73 25.56
C LEU A 125 5.60 -4.42 26.32
N GLU A 126 4.87 -3.46 25.75
CA GLU A 126 4.65 -2.22 26.45
C GLU A 126 3.25 -1.69 26.23
N GLY A 127 2.64 -1.22 27.32
CA GLY A 127 1.40 -0.50 27.27
C GLY A 127 1.66 0.99 27.31
N LYS A 128 1.14 1.70 26.32
CA LYS A 128 1.29 3.13 26.22
C LYS A 128 -0.06 3.80 26.47
N ILE A 129 0.01 5.00 27.06
CA ILE A 129 -1.14 5.87 27.21
C ILE A 129 -1.21 6.76 25.98
N VAL A 130 -2.42 6.87 25.46
CA VAL A 130 -2.76 7.58 24.23
C VAL A 130 -3.69 8.72 24.62
N GLN A 131 -3.52 9.87 23.98
CA GLN A 131 -4.24 11.07 24.37
C GLN A 131 -5.03 11.65 23.20
N TYR A 132 -6.31 11.88 23.44
CA TYR A 132 -7.28 12.43 22.48
C TYR A 132 -6.72 13.61 21.71
N GLU A 133 -5.99 14.49 22.39
CA GLU A 133 -5.42 15.67 21.73
C GLU A 133 -4.50 15.26 20.58
N ASN A 134 -3.69 14.21 20.78
CA ASN A 134 -2.68 13.82 19.81
C ASN A 134 -3.19 12.79 18.81
N LEU A 135 -4.48 12.77 18.54
CA LEU A 135 -5.04 12.00 17.43
C LEU A 135 -4.98 12.83 16.15
N LYS A 136 -4.82 12.14 15.02
CA LYS A 136 -4.92 12.80 13.72
C LYS A 136 -5.55 11.83 12.73
N TYR A 137 -6.61 12.28 12.08
CA TYR A 137 -7.31 11.50 11.07
C TYR A 137 -6.90 11.98 9.69
N SER A 138 -6.72 11.04 8.77
CA SER A 138 -6.40 11.36 7.38
C SER A 138 -7.64 11.03 6.56
N VAL A 139 -8.28 12.06 6.00
CA VAL A 139 -9.51 11.90 5.24
C VAL A 139 -9.27 12.38 3.83
N ILE A 140 -9.43 11.51 2.84
CA ILE A 140 -9.25 11.91 1.45
C ILE A 140 -10.62 12.14 0.83
N VAL A 141 -10.73 13.21 0.05
CA VAL A 141 -11.94 13.54 -0.69
C VAL A 141 -11.53 13.86 -2.12
N THR A 142 -12.21 13.23 -3.07
CA THR A 142 -11.94 13.36 -4.50
C THR A 142 -13.26 13.64 -5.20
N VAL A 143 -13.19 14.05 -6.46
CA VAL A 143 -14.38 14.29 -7.26
C VAL A 143 -14.66 13.06 -8.10
N HIS A 144 -15.94 12.75 -8.31
CA HIS A 144 -16.27 11.61 -9.15
C HIS A 144 -15.97 11.98 -10.59
N THR A 145 -14.77 11.58 -11.02
CA THR A 145 -14.11 12.15 -12.20
C THR A 145 -14.94 12.38 -13.46
N GLY A 146 -15.47 11.31 -14.05
CA GLY A 146 -15.90 11.35 -15.44
C GLY A 146 -14.71 11.09 -16.35
N ASP A 147 -13.67 11.89 -16.18
CA ASP A 147 -12.51 11.87 -17.04
C ASP A 147 -11.55 10.77 -16.60
N GLN A 148 -10.58 10.48 -17.47
CA GLN A 148 -9.57 9.49 -17.14
C GLN A 148 -8.33 10.16 -16.57
N HIS A 149 -7.63 9.43 -15.69
CA HIS A 149 -6.34 9.89 -15.18
C HIS A 149 -5.42 10.16 -16.36
N GLN A 150 -4.90 11.38 -16.46
CA GLN A 150 -4.02 11.74 -17.55
C GLN A 150 -2.58 11.72 -17.11
N VAL A 151 -1.72 11.14 -17.95
CA VAL A 151 -0.29 11.02 -17.69
C VAL A 151 0.49 11.95 -18.60
N THR A 160 -8.10 16.07 -2.74
CA THR A 160 -6.87 15.77 -1.99
C THR A 160 -7.22 15.25 -0.60
N ILE A 161 -6.24 15.16 0.29
CA ILE A 161 -6.47 14.64 1.63
C ILE A 161 -6.34 15.78 2.64
N ALA A 162 -7.01 15.61 3.77
CA ALA A 162 -7.07 16.60 4.83
C ALA A 162 -6.71 15.93 6.14
N THR A 163 -5.93 16.64 6.94
CA THR A 163 -5.60 16.22 8.29
C THR A 163 -6.66 16.79 9.23
N ILE A 164 -7.10 15.96 10.18
CA ILE A 164 -8.17 16.32 11.10
C ILE A 164 -7.70 16.05 12.52
N THR A 165 -7.59 17.10 13.29
CA THR A 165 -7.30 17.00 14.71
C THR A 165 -8.58 17.20 15.51
N PRO A 166 -8.56 16.89 16.80
CA PRO A 166 -9.60 17.42 17.69
C PRO A 166 -9.47 18.91 17.94
N GLN A 167 -8.29 19.49 17.72
CA GLN A 167 -8.12 20.94 17.85
C GLN A 167 -8.33 21.69 16.54
N ALA A 168 -8.24 21.01 15.40
CA ALA A 168 -8.63 21.58 14.11
C ALA A 168 -9.45 20.54 13.36
N PRO A 169 -10.72 20.37 13.75
CA PRO A 169 -11.57 19.36 13.11
C PRO A 169 -12.25 19.82 11.83
N THR A 170 -12.28 21.12 11.56
CA THR A 170 -12.81 21.64 10.30
C THR A 170 -11.65 21.87 9.34
N SER A 171 -11.76 21.33 8.14
CA SER A 171 -10.77 21.60 7.10
C SER A 171 -11.46 22.21 5.89
N GLU A 172 -10.92 23.32 5.42
CA GLU A 172 -11.24 23.85 4.10
C GLU A 172 -10.47 23.04 3.07
N ILE A 173 -11.14 22.51 2.05
CA ILE A 173 -10.40 21.79 1.03
C ILE A 173 -10.77 22.32 -0.35
N GLN A 174 -9.73 22.70 -1.11
CA GLN A 174 -9.87 23.36 -2.40
C GLN A 174 -9.84 22.32 -3.50
N LEU A 175 -10.85 22.31 -4.35
CA LEU A 175 -10.94 21.33 -5.43
C LEU A 175 -10.88 22.07 -6.76
N THR A 176 -9.76 21.90 -7.46
CA THR A 176 -9.54 22.59 -8.73
C THR A 176 -10.70 22.35 -9.67
N ASP A 177 -11.10 23.41 -10.38
CA ASP A 177 -12.18 23.43 -11.36
C ASP A 177 -13.56 23.23 -10.74
N TYR A 178 -13.66 23.07 -9.41
CA TYR A 178 -14.95 22.80 -8.78
C TYR A 178 -15.28 23.69 -7.59
N GLY A 179 -14.31 24.35 -6.96
CA GLY A 179 -14.58 25.32 -5.92
C GLY A 179 -13.86 24.99 -4.63
N THR A 180 -14.55 25.20 -3.51
CA THR A 180 -14.00 24.82 -2.22
C THR A 180 -15.07 24.18 -1.36
N LEU A 181 -14.81 22.95 -0.95
CA LEU A 181 -15.67 22.17 -0.06
C LEU A 181 -15.22 22.41 1.37
N THR A 182 -16.16 22.42 2.31
CA THR A 182 -15.79 22.60 3.71
C THR A 182 -16.24 21.37 4.49
N LEU A 183 -15.28 20.68 5.09
CA LEU A 183 -15.53 19.39 5.73
C LEU A 183 -15.40 19.56 7.23
N ASP A 184 -16.50 19.32 7.94
CA ASP A 184 -16.62 19.56 9.38
C ASP A 184 -16.77 18.22 10.07
N CYS A 185 -15.77 17.83 10.84
CA CYS A 185 -15.61 16.47 11.36
C CYS A 185 -15.60 16.43 12.88
N SER A 186 -16.43 15.56 13.45
CA SER A 186 -16.32 15.26 14.86
C SER A 186 -15.78 13.85 15.04
N PRO A 187 -14.67 13.70 15.76
CA PRO A 187 -14.21 12.38 16.17
C PRO A 187 -15.22 11.73 17.11
N ARG A 188 -15.68 10.56 16.72
CA ARG A 188 -16.59 9.77 17.55
C ARG A 188 -15.76 8.57 18.03
N THR A 189 -15.02 8.78 19.12
CA THR A 189 -14.28 7.67 19.71
C THR A 189 -15.22 6.84 20.58
N GLY A 190 -15.17 5.53 20.43
CA GLY A 190 -16.01 4.65 21.21
C GLY A 190 -15.32 4.29 22.51
N LEU A 191 -14.31 5.07 22.88
CA LEU A 191 -13.42 4.74 23.97
C LEU A 191 -13.37 5.89 24.97
N ASP A 192 -12.74 5.61 26.11
CA ASP A 192 -12.23 6.61 27.03
C ASP A 192 -10.73 6.36 27.11
N PHE A 193 -9.94 7.28 26.56
CA PHE A 193 -8.52 6.99 26.38
C PHE A 193 -7.74 6.96 27.69
N ASN A 194 -8.29 7.54 28.76
CA ASN A 194 -7.65 7.35 30.07
C ASN A 194 -7.89 5.95 30.61
N GLU A 195 -8.97 5.29 30.19
CA GLU A 195 -9.30 3.96 30.69
C GLU A 195 -9.00 2.84 29.70
N VAL A 196 -8.26 3.13 28.63
CA VAL A 196 -7.74 2.09 27.74
C VAL A 196 -6.27 2.37 27.44
N VAL A 197 -5.54 1.31 27.14
CA VAL A 197 -4.09 1.33 26.93
C VAL A 197 -3.81 0.74 25.55
N LEU A 198 -2.85 1.35 24.84
CA LEU A 198 -2.38 0.81 23.56
C LEU A 198 -1.23 -0.15 23.84
N LEU A 199 -1.49 -1.44 23.68
CA LEU A 199 -0.50 -2.48 23.97
C LEU A 199 0.20 -2.86 22.68
N THR A 200 1.52 -2.70 22.64
CA THR A 200 2.32 -3.18 21.52
C THR A 200 3.26 -4.27 21.99
N MET A 201 3.51 -5.23 21.09
CA MET A 201 4.35 -6.38 21.39
C MET A 201 4.86 -6.95 20.09
N LYS A 202 6.18 -6.91 19.90
CA LYS A 202 6.88 -7.53 18.77
C LYS A 202 6.12 -7.36 17.47
N GLU A 203 6.06 -6.11 17.00
CA GLU A 203 5.50 -5.56 15.77
C GLU A 203 3.99 -5.36 15.81
N LYS A 204 3.25 -5.90 16.77
CA LYS A 204 1.80 -5.94 16.65
C LYS A 204 1.15 -5.24 17.83
N SER A 205 0.09 -4.49 17.55
CA SER A 205 -0.51 -3.63 18.56
C SER A 205 -2.02 -3.82 18.63
N TRP A 206 -2.53 -3.77 19.85
CA TRP A 206 -3.95 -3.76 20.18
C TRP A 206 -4.19 -2.55 21.06
N LEU A 207 -5.46 -2.29 21.39
CA LEU A 207 -5.75 -1.40 22.50
C LEU A 207 -6.90 -1.98 23.31
N VAL A 208 -6.73 -1.96 24.62
CA VAL A 208 -7.48 -2.80 25.54
C VAL A 208 -7.84 -1.96 26.77
N HIS A 209 -8.80 -2.43 27.55
CA HIS A 209 -9.09 -1.77 28.81
C HIS A 209 -7.84 -1.73 29.69
N LYS A 210 -7.66 -0.61 30.39
CA LYS A 210 -6.43 -0.43 31.15
C LYS A 210 -6.38 -1.36 32.36
N GLN A 211 -7.44 -1.37 33.18
CA GLN A 211 -7.43 -2.15 34.42
C GLN A 211 -7.08 -3.60 34.15
N TRP A 212 -7.62 -4.17 33.07
CA TRP A 212 -7.15 -5.46 32.59
C TRP A 212 -5.63 -5.46 32.44
N PHE A 213 -5.09 -4.52 31.67
CA PHE A 213 -3.66 -4.48 31.40
C PHE A 213 -2.84 -4.47 32.69
N LEU A 214 -3.23 -3.63 33.65
CA LEU A 214 -2.48 -3.60 34.91
C LEU A 214 -2.72 -4.84 35.76
N ASP A 215 -3.74 -5.63 35.44
CA ASP A 215 -3.96 -6.89 36.15
C ASP A 215 -3.27 -8.07 35.51
N LEU A 216 -2.56 -7.88 34.40
CA LEU A 216 -1.95 -9.01 33.69
C LEU A 216 -0.77 -9.56 34.50
N PRO A 217 -0.66 -10.89 34.65
CA PRO A 217 0.32 -11.50 35.58
C PRO A 217 1.71 -11.67 34.96
N LEU A 218 2.39 -10.55 34.74
CA LEU A 218 3.74 -10.54 34.22
C LEU A 218 4.56 -9.49 34.95
N PRO A 219 5.87 -9.71 35.08
CA PRO A 219 6.72 -8.69 35.71
C PRO A 219 6.65 -7.38 34.93
N TRP A 220 6.68 -6.28 35.66
CA TRP A 220 6.46 -4.96 35.11
C TRP A 220 7.51 -3.98 35.60
N THR A 221 7.67 -2.90 34.85
CA THR A 221 8.34 -1.72 35.38
C THR A 221 7.83 -0.49 34.62
N SER A 222 7.63 0.60 35.37
CA SER A 222 7.40 1.89 34.74
C SER A 222 8.77 2.34 34.23
N GLY A 223 9.13 1.81 33.07
CA GLY A 223 10.48 1.91 32.56
C GLY A 223 10.87 3.32 32.18
N ALA A 224 11.68 3.94 33.03
CA ALA A 224 12.29 5.22 32.74
C ALA A 224 13.73 4.97 32.31
N SER A 225 14.13 5.60 31.21
CA SER A 225 15.50 5.47 30.76
C SER A 225 16.49 6.13 31.72
N THR A 226 16.00 6.81 32.77
CA THR A 226 16.83 7.48 33.76
C THR A 226 17.39 6.51 34.79
N SER A 227 16.88 5.28 34.85
CA SER A 227 17.39 4.26 35.75
C SER A 227 17.45 2.94 34.99
N GLN A 228 18.40 2.08 35.39
CA GLN A 228 18.54 0.80 34.71
C GLN A 228 17.30 -0.05 34.94
N GLU A 229 17.12 -1.04 34.05
CA GLU A 229 15.86 -1.75 33.94
C GLU A 229 15.77 -2.85 35.00
N THR A 230 15.23 -2.49 36.15
CA THR A 230 14.89 -3.45 37.19
C THR A 230 13.41 -3.83 37.07
N TRP A 231 13.06 -4.98 37.63
CA TRP A 231 11.74 -5.55 37.43
C TRP A 231 11.05 -5.79 38.78
N ASN A 232 9.77 -5.44 38.83
CA ASN A 232 8.91 -5.74 39.96
C ASN A 232 8.15 -7.03 39.69
N ARG A 233 7.89 -7.77 40.76
CA ARG A 233 7.18 -9.06 40.68
C ARG A 233 7.86 -10.01 39.71
N GLN A 234 9.18 -10.16 39.89
CA GLN A 234 9.93 -11.14 39.11
C GLN A 234 9.38 -12.55 39.27
N ASP A 235 8.67 -12.83 40.37
CA ASP A 235 8.21 -14.17 40.67
C ASP A 235 7.18 -14.67 39.67
N LEU A 236 6.62 -13.81 38.82
CA LEU A 236 5.65 -14.28 37.85
C LEU A 236 6.30 -14.87 36.61
N LEU A 237 7.63 -14.88 36.54
CA LEU A 237 8.37 -15.63 35.53
C LEU A 237 9.49 -16.47 36.11
N VAL A 238 10.01 -16.13 37.29
CA VAL A 238 11.12 -16.83 37.89
C VAL A 238 10.74 -17.22 39.31
N THR A 239 10.74 -18.51 39.60
CA THR A 239 10.41 -19.01 40.92
C THR A 239 11.52 -19.95 41.40
N PHE A 240 11.32 -20.55 42.57
CA PHE A 240 12.28 -21.48 43.14
C PHE A 240 11.52 -22.65 43.75
N LYS A 241 12.10 -23.85 43.65
CA LYS A 241 11.50 -24.97 44.38
C LYS A 241 12.58 -25.86 44.98
N THR A 242 12.25 -26.39 46.16
CA THR A 242 13.17 -27.15 46.99
C THR A 242 13.12 -28.62 46.58
N ALA A 243 14.22 -29.10 46.01
CA ALA A 243 14.41 -30.50 45.64
C ALA A 243 14.78 -31.30 46.87
N HIS A 244 13.80 -32.04 47.37
N HIS A 244 13.81 -32.08 47.36
CA HIS A 244 13.92 -33.06 48.43
CA HIS A 244 13.97 -33.08 48.43
C HIS A 244 14.85 -32.60 49.56
C HIS A 244 14.86 -32.61 49.57
N ALA A 245 14.57 -31.41 50.07
CA ALA A 245 15.16 -30.88 51.29
C ALA A 245 16.68 -30.80 51.26
N LYS A 246 17.32 -30.75 50.09
CA LYS A 246 18.69 -30.24 50.10
C LYS A 246 19.05 -29.31 48.96
N LYS A 247 18.33 -29.30 47.83
CA LYS A 247 18.71 -28.33 46.81
C LYS A 247 17.55 -27.38 46.53
N GLN A 248 17.85 -26.27 45.87
CA GLN A 248 16.83 -25.32 45.44
C GLN A 248 17.13 -24.95 43.99
N GLU A 249 16.15 -25.13 43.09
CA GLU A 249 16.36 -24.84 41.69
C GLU A 249 15.38 -23.81 41.14
N VAL A 250 15.91 -23.01 40.21
CA VAL A 250 15.21 -21.88 39.62
C VAL A 250 14.29 -22.37 38.52
N VAL A 251 13.07 -21.86 38.50
CA VAL A 251 12.04 -22.27 37.56
C VAL A 251 11.72 -21.04 36.71
N VAL A 252 12.15 -21.07 35.44
CA VAL A 252 11.82 -20.03 34.49
C VAL A 252 10.59 -20.48 33.71
N LEU A 253 9.71 -19.53 33.39
CA LEU A 253 8.37 -19.91 32.93
C LEU A 253 8.25 -20.08 31.43
N GLY A 254 9.09 -19.42 30.62
CA GLY A 254 8.94 -19.51 29.19
C GLY A 254 8.10 -18.39 28.62
N SER A 255 8.34 -18.09 27.34
CA SER A 255 7.83 -16.86 26.73
C SER A 255 6.31 -16.88 26.67
N GLN A 256 5.67 -15.87 27.25
CA GLN A 256 4.22 -15.73 27.31
C GLN A 256 3.64 -15.08 26.07
N GLU A 257 4.40 -15.02 24.97
CA GLU A 257 3.91 -14.39 23.75
C GLU A 257 2.67 -15.09 23.23
N GLY A 258 2.72 -16.43 23.15
CA GLY A 258 1.55 -17.17 22.70
C GLY A 258 0.38 -17.04 23.65
N ALA A 259 0.65 -17.07 24.96
CA ALA A 259 -0.39 -16.85 25.94
C ALA A 259 -1.03 -15.48 25.77
N MET A 260 -0.21 -14.47 25.45
CA MET A 260 -0.73 -13.12 25.24
C MET A 260 -1.62 -13.06 24.01
N HIS A 261 -1.19 -13.68 22.91
CA HIS A 261 -2.04 -13.71 21.71
C HIS A 261 -3.35 -14.42 21.99
N THR A 262 -3.30 -15.55 22.71
CA THR A 262 -4.53 -16.26 23.04
C THR A 262 -5.42 -15.43 23.96
N ALA A 263 -4.83 -14.56 24.78
CA ALA A 263 -5.65 -13.69 25.62
C ALA A 263 -6.19 -12.50 24.85
N LEU A 264 -5.51 -12.08 23.79
CA LEU A 264 -5.90 -10.92 23.01
C LEU A 264 -6.75 -11.26 21.79
N THR A 265 -7.27 -12.49 21.70
CA THR A 265 -8.16 -12.82 20.61
C THR A 265 -9.39 -11.92 20.60
N GLY A 266 -10.04 -11.78 21.76
CA GLY A 266 -11.22 -10.93 21.88
C GLY A 266 -10.92 -9.47 22.11
N ALA A 267 -9.83 -8.98 21.52
CA ALA A 267 -9.44 -7.57 21.59
C ALA A 267 -9.53 -6.95 20.20
N THR A 268 -9.12 -5.69 20.12
CA THR A 268 -9.22 -4.90 18.90
C THR A 268 -7.82 -4.66 18.35
N GLU A 269 -7.48 -5.33 17.26
CA GLU A 269 -6.13 -5.30 16.71
C GLU A 269 -5.94 -4.09 15.80
N ILE A 270 -4.70 -3.88 15.36
CA ILE A 270 -4.33 -2.75 14.55
C ILE A 270 -3.68 -3.22 13.24
N THR A 276 2.45 8.70 14.18
CA THR A 276 3.49 7.85 14.73
C THR A 276 3.02 6.42 14.88
N THR A 277 1.86 6.22 15.53
CA THR A 277 1.27 4.90 15.69
C THR A 277 -0.13 4.91 15.12
N ILE A 278 -0.53 3.81 14.48
CA ILE A 278 -1.76 3.77 13.70
C ILE A 278 -2.86 3.04 14.48
N PHE A 279 -4.11 3.32 14.12
CA PHE A 279 -5.30 2.80 14.78
C PHE A 279 -6.43 2.78 13.74
N ALA A 280 -7.58 2.24 14.12
CA ALA A 280 -8.77 2.21 13.27
C ALA A 280 -10.00 2.53 14.11
N GLY A 281 -10.53 3.75 13.98
CA GLY A 281 -11.77 4.13 14.63
C GLY A 281 -12.87 4.48 13.64
N HIS A 282 -13.71 5.46 13.96
CA HIS A 282 -14.71 5.96 13.03
C HIS A 282 -14.95 7.44 13.29
N LEU A 283 -15.50 8.13 12.29
CA LEU A 283 -15.51 9.59 12.29
C LEU A 283 -16.79 10.11 11.64
N LYS A 284 -17.53 10.99 12.34
CA LYS A 284 -18.75 11.53 11.75
C LYS A 284 -18.47 12.93 11.20
N CYS A 285 -19.00 13.25 10.01
CA CYS A 285 -18.69 14.55 9.43
C CYS A 285 -19.85 15.06 8.57
N ARG A 286 -19.93 16.39 8.46
CA ARG A 286 -20.84 17.06 7.53
C ARG A 286 -20.03 17.78 6.46
N LEU A 287 -20.42 17.60 5.19
CA LEU A 287 -19.79 18.28 4.07
C LEU A 287 -20.71 19.38 3.58
N LYS A 288 -20.22 20.62 3.65
CA LYS A 288 -20.91 21.80 3.15
C LYS A 288 -20.32 22.20 1.81
N MET A 289 -21.16 22.28 0.79
CA MET A 289 -20.72 22.47 -0.58
C MET A 289 -21.32 23.73 -1.20
N ASP A 290 -21.49 24.78 -0.39
CA ASP A 290 -22.08 26.02 -0.90
C ASP A 290 -21.17 26.67 -1.94
N LYS A 291 -19.89 26.80 -1.62
CA LYS A 291 -18.92 27.35 -2.57
C LYS A 291 -18.44 26.32 -3.58
N LEU A 292 -19.12 25.19 -3.68
CA LEU A 292 -18.84 24.20 -4.69
C LEU A 292 -19.75 24.41 -5.89
N THR A 293 -19.18 24.29 -7.08
CA THR A 293 -19.95 24.34 -8.31
C THR A 293 -19.44 23.24 -9.24
N LEU A 294 -20.38 22.54 -9.88
CA LEU A 294 -20.02 21.52 -10.84
C LEU A 294 -19.63 22.18 -12.15
N LYS A 295 -18.38 21.99 -12.58
CA LYS A 295 -17.92 22.58 -13.83
C LYS A 295 -18.57 21.87 -15.02
N GLY A 296 -18.63 22.59 -16.14
CA GLY A 296 -19.32 22.11 -17.32
C GLY A 296 -20.74 22.59 -17.43
N MET A 297 -21.26 23.22 -16.39
CA MET A 297 -22.54 23.91 -16.48
C MET A 297 -22.58 24.85 -17.67
N SER A 298 -21.43 25.37 -18.08
CA SER A 298 -21.35 26.42 -19.08
C SER A 298 -21.62 25.91 -20.48
N TYR A 299 -21.49 24.61 -20.69
CA TYR A 299 -21.26 24.06 -22.01
C TYR A 299 -22.59 23.79 -22.71
N VAL A 300 -22.52 23.18 -23.89
CA VAL A 300 -23.67 22.92 -24.73
C VAL A 300 -23.84 21.42 -24.89
N MET A 301 -25.08 20.95 -24.80
CA MET A 301 -25.38 19.56 -25.11
C MET A 301 -24.89 19.24 -26.52
N CYS A 302 -24.31 18.05 -26.68
CA CYS A 302 -23.37 17.83 -27.77
C CYS A 302 -24.05 17.33 -29.04
N THR A 303 -23.23 17.22 -30.10
CA THR A 303 -23.68 17.11 -31.49
C THR A 303 -23.56 15.71 -32.07
N GLY A 304 -22.51 14.96 -31.73
CA GLY A 304 -22.10 13.81 -32.50
C GLY A 304 -22.37 12.48 -31.81
N SER A 305 -21.85 11.42 -32.43
CA SER A 305 -22.02 10.06 -31.96
C SER A 305 -20.87 9.65 -31.05
N PHE A 306 -21.16 8.73 -30.14
CA PHE A 306 -20.14 8.15 -29.30
C PHE A 306 -19.88 6.71 -29.75
N LYS A 307 -18.90 6.07 -29.13
CA LYS A 307 -18.58 4.68 -29.45
C LYS A 307 -17.93 4.06 -28.23
N LEU A 308 -18.37 2.86 -27.87
CA LEU A 308 -17.88 2.21 -26.66
C LEU A 308 -16.39 1.92 -26.75
N GLU A 309 -15.61 2.53 -25.87
CA GLU A 309 -14.20 2.22 -25.76
C GLU A 309 -13.97 0.95 -24.94
N LYS A 310 -14.83 0.69 -23.97
CA LYS A 310 -14.78 -0.53 -23.16
C LYS A 310 -16.22 -0.99 -22.94
N GLU A 311 -16.42 -2.30 -22.96
CA GLU A 311 -17.76 -2.85 -22.81
C GLU A 311 -18.39 -2.41 -21.49
N VAL A 312 -19.72 -2.35 -21.47
CA VAL A 312 -20.45 -1.95 -20.28
C VAL A 312 -20.12 -2.92 -19.15
N ALA A 313 -19.76 -2.37 -17.99
CA ALA A 313 -19.34 -3.16 -16.84
C ALA A 313 -20.16 -2.76 -15.63
N GLU A 314 -20.72 -3.76 -14.95
CA GLU A 314 -21.51 -3.55 -13.75
C GLU A 314 -20.63 -3.71 -12.52
N THR A 315 -20.80 -2.81 -11.56
CA THR A 315 -20.01 -2.84 -10.34
C THR A 315 -20.68 -3.78 -9.34
N GLN A 316 -20.17 -3.81 -8.11
CA GLN A 316 -20.77 -4.61 -7.05
C GLN A 316 -21.96 -3.91 -6.39
N HIS A 317 -22.44 -2.81 -6.95
CA HIS A 317 -23.56 -2.07 -6.39
C HIS A 317 -24.64 -1.82 -7.43
N GLY A 318 -24.80 -2.74 -8.37
CA GLY A 318 -25.88 -2.66 -9.35
C GLY A 318 -25.70 -1.58 -10.38
N THR A 319 -24.87 -0.59 -10.08
CA THR A 319 -24.59 0.48 -11.03
C THR A 319 -23.66 -0.01 -12.12
N VAL A 320 -23.69 0.66 -13.28
CA VAL A 320 -22.85 0.24 -14.38
C VAL A 320 -21.99 1.38 -14.90
N LEU A 321 -20.87 1.00 -15.50
CA LEU A 321 -19.84 1.91 -16.00
C LEU A 321 -19.83 1.88 -17.51
N VAL A 322 -19.88 3.06 -18.14
CA VAL A 322 -19.80 3.18 -19.58
C VAL A 322 -18.66 4.13 -19.91
N GLN A 323 -17.68 3.65 -20.66
CA GLN A 323 -16.57 4.48 -21.10
C GLN A 323 -16.68 4.66 -22.61
N VAL A 324 -16.55 5.90 -23.08
CA VAL A 324 -16.77 6.18 -24.49
C VAL A 324 -15.78 7.21 -25.03
N LYS A 325 -15.71 7.24 -26.37
CA LYS A 325 -15.01 8.26 -27.14
C LYS A 325 -15.98 8.85 -28.16
N TYR A 326 -15.70 10.08 -28.59
CA TYR A 326 -16.70 10.96 -29.17
C TYR A 326 -16.48 11.16 -30.67
N GLU A 327 -17.56 11.58 -31.34
CA GLU A 327 -17.54 12.01 -32.74
C GLU A 327 -18.03 13.45 -32.82
N GLY A 328 -17.33 14.28 -33.59
CA GLY A 328 -17.81 15.62 -33.85
C GLY A 328 -16.72 16.67 -33.70
N THR A 329 -17.11 17.90 -34.01
CA THR A 329 -16.23 19.05 -34.12
C THR A 329 -15.98 19.76 -32.80
N ASP A 330 -17.01 19.85 -31.97
CA ASP A 330 -16.95 20.66 -30.75
C ASP A 330 -16.05 20.00 -29.71
N ALA A 331 -14.89 20.59 -29.45
CA ALA A 331 -14.00 20.03 -28.44
C ALA A 331 -14.62 20.07 -27.05
N PRO A 332 -14.99 21.24 -26.49
CA PRO A 332 -15.64 21.24 -25.17
C PRO A 332 -17.15 21.14 -25.28
N CYS A 333 -17.76 20.13 -24.68
CA CYS A 333 -19.21 19.96 -24.83
C CYS A 333 -19.73 19.02 -23.75
N LYS A 334 -21.00 18.61 -23.90
CA LYS A 334 -21.73 17.88 -22.87
C LYS A 334 -22.48 16.70 -23.47
N ILE A 335 -22.37 15.54 -22.83
CA ILE A 335 -22.94 14.31 -23.37
C ILE A 335 -24.45 14.31 -23.16
N PRO A 336 -25.25 14.11 -24.21
CA PRO A 336 -26.66 13.77 -24.01
C PRO A 336 -26.78 12.34 -23.51
N PHE A 337 -27.63 12.13 -22.51
CA PHE A 337 -27.60 10.89 -21.76
C PHE A 337 -28.93 10.67 -21.07
N SER A 338 -29.56 9.51 -21.34
CA SER A 338 -30.68 9.06 -20.51
C SER A 338 -31.04 7.64 -20.93
N THR A 339 -31.97 7.05 -20.18
CA THR A 339 -32.32 5.65 -20.41
C THR A 339 -33.83 5.45 -20.27
N GLN A 340 -34.31 4.35 -20.84
CA GLN A 340 -35.75 4.11 -20.97
C GLN A 340 -36.05 2.63 -20.77
N ASP A 341 -37.32 2.30 -20.58
CA ASP A 341 -37.73 0.90 -20.51
C ASP A 341 -37.50 0.20 -21.85
N VAL A 345 -40.40 5.54 -23.62
CA VAL A 345 -40.79 5.23 -22.26
C VAL A 345 -39.60 5.61 -21.35
N THR A 346 -39.14 6.83 -21.55
CA THR A 346 -37.92 7.31 -20.91
C THR A 346 -38.21 7.85 -19.51
N GLN A 347 -37.41 7.43 -18.54
CA GLN A 347 -37.33 8.06 -17.23
C GLN A 347 -35.91 8.54 -17.02
N ASN A 348 -35.77 9.73 -16.45
CA ASN A 348 -34.45 10.33 -16.25
C ASN A 348 -33.72 9.51 -15.19
N GLY A 349 -32.86 8.60 -15.65
CA GLY A 349 -32.18 7.70 -14.74
C GLY A 349 -31.25 8.44 -13.80
N ARG A 350 -30.88 7.75 -12.72
CA ARG A 350 -29.93 8.28 -11.76
C ARG A 350 -28.51 8.19 -12.33
N LEU A 351 -27.74 9.25 -12.11
CA LEU A 351 -26.35 9.30 -12.55
C LEU A 351 -25.45 9.68 -11.38
N ILE A 352 -24.41 8.89 -11.17
CA ILE A 352 -23.41 9.18 -10.16
C ILE A 352 -22.34 10.12 -10.68
N THR A 353 -21.82 9.83 -11.87
CA THR A 353 -21.03 10.82 -12.60
C THR A 353 -21.91 12.00 -12.94
N ALA A 354 -21.66 13.14 -12.29
CA ALA A 354 -22.55 14.30 -12.41
C ALA A 354 -22.13 15.16 -13.58
N ASN A 355 -23.10 15.52 -14.44
CA ASN A 355 -22.90 16.33 -15.63
C ASN A 355 -21.77 15.79 -16.49
N PRO A 356 -22.01 14.68 -17.21
CA PRO A 356 -20.94 14.14 -18.06
C PRO A 356 -20.54 15.13 -19.13
N ILE A 357 -19.24 15.40 -19.21
CA ILE A 357 -18.70 16.45 -20.06
C ILE A 357 -17.67 15.85 -21.00
N VAL A 358 -17.39 16.58 -22.07
CA VAL A 358 -16.30 16.24 -22.98
C VAL A 358 -15.22 17.29 -22.80
N THR A 359 -14.18 16.96 -22.04
CA THR A 359 -13.08 17.89 -21.85
C THR A 359 -12.09 17.85 -23.00
N ASP A 360 -11.93 16.68 -23.63
CA ASP A 360 -10.99 16.53 -24.73
C ASP A 360 -11.48 15.38 -25.60
N LYS A 361 -11.93 15.70 -26.82
CA LYS A 361 -12.46 14.68 -27.71
C LYS A 361 -11.45 13.56 -27.94
N GLU A 362 -10.17 13.89 -27.92
CA GLU A 362 -9.13 12.87 -27.97
C GLU A 362 -9.33 11.81 -26.89
N LYS A 363 -9.58 12.23 -25.65
CA LYS A 363 -9.56 11.34 -24.51
C LYS A 363 -10.93 10.73 -24.19
N PRO A 364 -10.91 9.51 -23.62
CA PRO A 364 -12.16 8.79 -23.35
C PRO A 364 -12.68 9.07 -21.96
N ILE A 365 -14.00 9.04 -21.75
CA ILE A 365 -14.55 9.46 -20.47
C ILE A 365 -15.58 8.43 -19.97
N ASN A 366 -15.57 8.22 -18.66
CA ASN A 366 -16.39 7.22 -17.97
C ASN A 366 -17.63 7.88 -17.40
N ILE A 367 -18.73 7.14 -17.38
CA ILE A 367 -20.00 7.58 -16.82
C ILE A 367 -20.56 6.43 -16.01
N GLU A 368 -20.76 6.65 -14.72
CA GLU A 368 -21.36 5.66 -13.85
C GLU A 368 -22.83 6.01 -13.66
N THR A 369 -23.72 5.05 -13.94
CA THR A 369 -25.15 5.34 -13.78
C THR A 369 -25.87 4.16 -13.16
N GLU A 370 -26.85 4.49 -12.32
CA GLU A 370 -27.75 3.50 -11.75
C GLU A 370 -28.89 3.25 -12.72
N PRO A 371 -29.05 2.03 -13.22
CA PRO A 371 -30.16 1.74 -14.14
C PRO A 371 -31.37 1.27 -13.38
N PRO A 372 -32.56 1.30 -13.98
CA PRO A 372 -33.74 0.74 -13.32
C PRO A 372 -33.67 -0.77 -13.26
N PHE A 373 -34.45 -1.33 -12.35
CA PHE A 373 -34.47 -2.78 -12.17
C PHE A 373 -35.14 -3.46 -13.36
N GLY A 374 -34.74 -4.70 -13.63
CA GLY A 374 -35.23 -5.37 -14.80
C GLY A 374 -34.52 -4.89 -16.05
N GLU A 375 -35.25 -4.80 -17.16
CA GLU A 375 -34.67 -4.41 -18.43
C GLU A 375 -34.68 -2.88 -18.59
N SER A 376 -33.55 -2.36 -19.08
CA SER A 376 -33.39 -0.94 -19.37
C SER A 376 -32.57 -0.78 -20.65
N TYR A 377 -32.70 0.38 -21.28
CA TYR A 377 -31.97 0.72 -22.49
C TYR A 377 -31.29 2.06 -22.25
N ILE A 378 -29.96 2.08 -22.29
CA ILE A 378 -29.21 3.31 -22.05
C ILE A 378 -28.84 3.92 -23.40
N ILE A 379 -29.16 5.20 -23.58
CA ILE A 379 -28.97 5.90 -24.85
C ILE A 379 -28.18 7.17 -24.61
N VAL A 380 -27.26 7.46 -25.53
CA VAL A 380 -26.19 8.40 -25.32
C VAL A 380 -25.91 9.16 -26.61
N GLY A 383 -30.05 12.13 -30.02
CA GLY A 383 -28.90 11.87 -30.86
C GLY A 383 -29.29 11.30 -32.22
N GLU A 384 -28.40 11.47 -33.20
CA GLU A 384 -28.69 10.98 -34.56
C GLU A 384 -28.44 9.48 -34.67
N LYS A 385 -27.17 9.10 -34.71
CA LYS A 385 -26.78 7.69 -34.65
C LYS A 385 -26.30 7.39 -33.24
N ALA A 386 -27.19 7.56 -32.25
CA ALA A 386 -26.80 7.38 -30.87
C ALA A 386 -26.73 5.89 -30.53
N LEU A 387 -26.19 5.60 -29.36
CA LEU A 387 -25.89 4.24 -28.95
C LEU A 387 -27.04 3.75 -28.08
N LYS A 388 -27.62 2.61 -28.46
CA LYS A 388 -28.68 1.98 -27.69
C LYS A 388 -28.10 0.71 -27.07
N LEU A 389 -27.67 0.81 -25.81
CA LEU A 389 -27.06 -0.32 -25.11
C LEU A 389 -28.13 -0.98 -24.25
N SER A 390 -28.44 -2.24 -24.57
CA SER A 390 -29.34 -3.01 -23.72
C SER A 390 -28.66 -3.34 -22.41
N TRP A 391 -29.42 -3.27 -21.31
CA TRP A 391 -28.92 -3.63 -20.00
C TRP A 391 -30.04 -4.29 -19.21
N PHE A 392 -29.67 -5.18 -18.30
CA PHE A 392 -30.64 -5.81 -17.43
C PHE A 392 -30.06 -5.99 -16.03
N LYS A 393 -30.87 -5.70 -15.02
CA LYS A 393 -30.50 -5.72 -13.61
C LYS A 393 -31.40 -6.72 -12.89
N LYS A 394 -30.79 -7.66 -12.17
CA LYS A 394 -31.52 -8.72 -11.51
C LYS A 394 -32.25 -8.31 -10.23
N GLY A 395 -31.50 -7.95 -9.20
CA GLY A 395 -32.08 -7.66 -7.90
C GLY A 395 -32.33 -8.87 -7.00
N GLU B 3 10.07 19.00 -13.64
CA GLU B 3 9.51 17.82 -14.29
C GLU B 3 9.93 16.55 -13.57
N VAL B 4 9.19 15.46 -13.79
CA VAL B 4 9.58 14.16 -13.25
C VAL B 4 10.89 13.74 -13.89
N GLN B 5 11.83 13.29 -13.07
CA GLN B 5 13.12 12.87 -13.59
C GLN B 5 13.72 11.80 -12.70
N LEU B 6 14.27 10.77 -13.35
CA LEU B 6 15.03 9.73 -12.68
C LEU B 6 16.43 9.72 -13.26
N VAL B 7 17.45 9.75 -12.38
CA VAL B 7 18.84 9.81 -12.83
C VAL B 7 19.63 8.74 -12.09
N GLU B 8 20.33 7.89 -12.83
CA GLU B 8 21.12 6.83 -12.23
C GLU B 8 22.61 7.16 -12.31
N SER B 9 23.42 6.24 -11.78
CA SER B 9 24.83 6.47 -11.55
C SER B 9 25.58 6.49 -12.88
N GLY B 10 26.91 6.51 -12.81
CA GLY B 10 27.71 6.50 -14.01
C GLY B 10 27.90 5.11 -14.57
N ALA B 11 28.47 5.05 -15.77
CA ALA B 11 28.78 3.78 -16.40
C ALA B 11 29.90 3.09 -15.62
N GLU B 12 29.69 1.82 -15.29
CA GLU B 12 30.63 1.10 -14.43
C GLU B 12 30.99 -0.24 -15.05
N VAL B 13 32.28 -0.57 -15.00
CA VAL B 13 32.77 -1.86 -15.45
C VAL B 13 33.43 -2.56 -14.27
N LYS B 14 32.94 -3.75 -13.94
CA LYS B 14 33.54 -4.61 -12.93
C LYS B 14 33.61 -6.02 -13.48
N LYS B 15 34.64 -6.74 -13.08
CA LYS B 15 34.89 -8.05 -13.66
C LYS B 15 34.37 -9.15 -12.73
N PRO B 16 34.15 -10.36 -13.27
CA PRO B 16 33.35 -11.36 -12.55
C PRO B 16 33.78 -11.62 -11.11
N GLY B 17 32.82 -11.98 -10.28
CA GLY B 17 33.01 -12.28 -8.88
C GLY B 17 32.71 -11.12 -7.96
N ALA B 18 32.70 -9.90 -8.46
CA ALA B 18 32.57 -8.71 -7.64
C ALA B 18 31.11 -8.51 -7.25
N SER B 19 30.80 -7.33 -6.75
CA SER B 19 29.42 -6.88 -6.57
C SER B 19 29.31 -5.51 -7.22
N VAL B 20 28.15 -5.23 -7.81
CA VAL B 20 27.90 -3.95 -8.45
C VAL B 20 26.74 -3.27 -7.76
N LYS B 21 26.84 -1.96 -7.59
CA LYS B 21 25.78 -1.15 -7.00
C LYS B 21 25.50 0.02 -7.92
N VAL B 22 24.24 0.23 -8.28
CA VAL B 22 23.84 1.32 -9.16
C VAL B 22 22.73 2.10 -8.47
N SER B 23 22.85 3.43 -8.48
CA SER B 23 21.93 4.31 -7.79
C SER B 23 20.83 4.78 -8.73
N CYS B 24 19.76 5.30 -8.13
CA CYS B 24 18.69 5.93 -8.88
C CYS B 24 18.12 7.00 -7.97
N LYS B 25 18.20 8.26 -8.40
CA LYS B 25 17.66 9.37 -7.62
C LYS B 25 16.53 10.04 -8.39
N ALA B 26 15.40 10.21 -7.73
CA ALA B 26 14.17 10.73 -8.32
C ALA B 26 13.97 12.18 -7.93
N SER B 27 13.33 12.93 -8.83
CA SER B 27 13.00 14.32 -8.59
C SER B 27 11.68 14.63 -9.30
N GLY B 28 10.97 15.63 -8.80
CA GLY B 28 9.72 16.05 -9.38
C GLY B 28 8.49 15.32 -8.84
N TYR B 29 8.65 14.45 -7.86
CA TYR B 29 7.52 13.77 -7.24
C TYR B 29 7.94 13.29 -5.87
N THR B 30 6.95 13.01 -5.03
CA THR B 30 7.23 12.55 -3.67
C THR B 30 7.74 11.11 -3.74
N PHE B 31 9.02 10.93 -3.41
CA PHE B 31 9.69 9.66 -3.64
C PHE B 31 9.06 8.52 -2.86
N THR B 32 8.46 8.82 -1.70
CA THR B 32 7.91 7.79 -0.83
C THR B 32 6.53 7.32 -1.27
N SER B 33 5.93 7.96 -2.27
CA SER B 33 4.63 7.55 -2.77
C SER B 33 4.72 6.55 -3.91
N TYR B 34 5.92 6.20 -4.35
CA TYR B 34 6.11 5.31 -5.48
C TYR B 34 7.02 4.16 -5.10
N ALA B 35 6.81 3.03 -5.75
CA ALA B 35 7.77 1.94 -5.75
C ALA B 35 8.71 2.09 -6.94
N MET B 36 9.96 1.72 -6.73
CA MET B 36 11.00 1.79 -7.75
C MET B 36 11.30 0.38 -8.24
N HIS B 37 11.09 0.14 -9.53
CA HIS B 37 11.41 -1.11 -10.20
C HIS B 37 12.76 -0.98 -10.89
N TRP B 38 13.45 -2.11 -10.98
CA TRP B 38 14.67 -2.25 -11.76
C TRP B 38 14.47 -3.30 -12.82
N VAL B 39 14.92 -2.97 -14.03
CA VAL B 39 14.83 -3.86 -15.19
C VAL B 39 16.09 -3.65 -16.03
N ARG B 40 16.64 -4.74 -16.55
CA ARG B 40 17.88 -4.68 -17.32
C ARG B 40 17.67 -5.20 -18.73
N GLN B 41 18.60 -4.84 -19.62
CA GLN B 41 18.62 -5.42 -20.96
C GLN B 41 20.04 -5.45 -21.49
N ALA B 42 20.46 -6.62 -21.95
CA ALA B 42 21.76 -6.73 -22.60
C ALA B 42 21.74 -5.97 -23.92
N PRO B 43 22.91 -5.56 -24.41
CA PRO B 43 22.95 -4.87 -25.71
C PRO B 43 22.28 -5.67 -26.82
N GLY B 44 21.18 -5.14 -27.35
CA GLY B 44 20.49 -5.76 -28.47
C GLY B 44 19.53 -6.87 -28.11
N GLN B 45 19.13 -7.00 -26.85
CA GLN B 45 18.20 -8.04 -26.42
C GLN B 45 17.09 -7.42 -25.57
N ARG B 46 16.19 -8.28 -25.10
CA ARG B 46 14.92 -7.83 -24.53
C ARG B 46 15.11 -7.23 -23.14
N LEU B 47 14.03 -6.64 -22.65
CA LEU B 47 13.96 -6.15 -21.28
C LEU B 47 13.58 -7.29 -20.35
N GLU B 48 14.23 -7.32 -19.18
CA GLU B 48 14.09 -8.43 -18.22
C GLU B 48 13.84 -7.83 -16.84
N TRP B 49 12.62 -7.95 -16.35
CA TRP B 49 12.23 -7.30 -15.10
C TRP B 49 12.99 -7.92 -13.92
N MET B 50 13.67 -7.06 -13.16
CA MET B 50 14.46 -7.52 -12.02
C MET B 50 13.67 -7.50 -10.72
N GLY B 51 13.06 -6.37 -10.38
CA GLY B 51 12.28 -6.34 -9.16
C GLY B 51 11.81 -4.95 -8.82
N TRP B 52 11.29 -4.80 -7.60
CA TRP B 52 10.87 -3.48 -7.13
C TRP B 52 11.03 -3.38 -5.62
N ILE B 53 11.00 -2.13 -5.14
CA ILE B 53 11.00 -1.83 -3.73
C ILE B 53 9.98 -0.73 -3.46
N ASN B 54 9.23 -0.86 -2.37
CA ASN B 54 8.33 0.19 -1.89
C ASN B 54 9.17 1.23 -1.15
N ALA B 55 9.21 2.46 -1.68
CA ALA B 55 10.01 3.51 -1.05
C ALA B 55 9.41 4.04 0.24
N GLY B 56 8.19 3.63 0.57
CA GLY B 56 7.56 4.05 1.81
C GLY B 56 7.99 3.20 2.99
N ASN B 57 7.87 1.88 2.87
CA ASN B 57 8.17 0.97 3.97
C ASN B 57 9.35 0.05 3.69
N GLY B 58 9.98 0.14 2.52
CA GLY B 58 11.13 -0.68 2.23
C GLY B 58 10.85 -2.13 1.89
N ASN B 59 9.58 -2.49 1.74
CA ASN B 59 9.26 -3.84 1.27
C ASN B 59 9.81 -4.06 -0.12
N THR B 60 10.34 -5.24 -0.36
CA THR B 60 10.92 -5.60 -1.64
C THR B 60 10.10 -6.68 -2.32
N LYS B 61 10.35 -6.86 -3.60
CA LYS B 61 9.91 -8.05 -4.33
C LYS B 61 10.92 -8.30 -5.44
N TYR B 62 11.44 -9.52 -5.49
CA TYR B 62 12.45 -9.91 -6.46
C TYR B 62 11.86 -10.94 -7.44
N SER B 63 12.48 -11.03 -8.60
CA SER B 63 12.14 -12.05 -9.57
C SER B 63 12.97 -13.31 -9.31
N GLN B 64 12.48 -14.44 -9.82
CA GLN B 64 13.10 -15.73 -9.51
C GLN B 64 14.54 -15.79 -10.01
N LYS B 65 14.82 -15.25 -11.20
CA LYS B 65 16.15 -15.37 -11.77
C LYS B 65 17.21 -14.65 -10.93
N PHE B 66 16.81 -13.62 -10.18
CA PHE B 66 17.76 -12.79 -9.46
C PHE B 66 17.64 -12.91 -7.94
N GLN B 67 16.75 -13.78 -7.46
CA GLN B 67 16.18 -13.67 -6.11
C GLN B 67 17.25 -13.42 -5.04
N ASP B 68 18.23 -14.32 -4.91
CA ASP B 68 19.30 -14.13 -3.94
C ASP B 68 20.60 -13.66 -4.60
N ARG B 69 20.50 -12.94 -5.71
CA ARG B 69 21.60 -12.19 -6.28
C ARG B 69 21.39 -10.68 -6.22
N VAL B 70 20.12 -10.24 -6.20
CA VAL B 70 19.75 -8.83 -6.23
C VAL B 70 19.46 -8.37 -4.81
N THR B 71 19.72 -7.09 -4.54
CA THR B 71 19.23 -6.42 -3.34
C THR B 71 18.85 -4.99 -3.71
N ILE B 72 17.56 -4.67 -3.61
CA ILE B 72 17.05 -3.33 -3.87
C ILE B 72 16.75 -2.67 -2.53
N THR B 73 17.30 -1.48 -2.33
CA THR B 73 17.18 -0.76 -1.06
C THR B 73 16.78 0.67 -1.34
N ARG B 74 16.45 1.40 -0.26
CA ARG B 74 16.06 2.79 -0.39
C ARG B 74 16.78 3.62 0.67
N ASP B 75 17.12 4.85 0.29
CA ASP B 75 17.47 5.92 1.21
C ASP B 75 16.51 7.06 0.91
N THR B 76 15.53 7.24 1.80
CA THR B 76 14.50 8.26 1.58
C THR B 76 15.06 9.66 1.75
N SER B 77 16.15 9.80 2.53
CA SER B 77 16.71 11.11 2.78
C SER B 77 17.06 11.83 1.48
N ALA B 78 17.66 11.12 0.52
CA ALA B 78 18.11 11.71 -0.72
C ALA B 78 17.30 11.27 -1.93
N SER B 79 16.06 10.80 -1.72
CA SER B 79 15.16 10.41 -2.80
C SER B 79 15.81 9.34 -3.70
N THR B 80 16.43 8.34 -3.07
CA THR B 80 17.29 7.45 -3.83
C THR B 80 16.96 5.99 -3.54
N ALA B 81 16.95 5.19 -4.60
CA ALA B 81 16.82 3.75 -4.54
C ALA B 81 18.06 3.12 -5.16
N TYR B 82 18.56 2.06 -4.54
CA TYR B 82 19.79 1.42 -4.97
C TYR B 82 19.50 -0.02 -5.37
N MET B 83 20.25 -0.51 -6.36
CA MET B 83 20.16 -1.90 -6.80
C MET B 83 21.56 -2.50 -6.82
N GLU B 84 21.76 -3.61 -6.12
CA GLU B 84 23.06 -4.25 -6.02
C GLU B 84 22.96 -5.70 -6.51
N LEU B 85 23.89 -6.08 -7.38
CA LEU B 85 23.97 -7.42 -7.93
C LEU B 85 25.24 -8.11 -7.44
N SER B 86 25.09 -9.32 -6.91
CA SER B 86 26.17 -10.12 -6.37
C SER B 86 26.65 -11.15 -7.40
N SER B 87 27.88 -11.61 -7.20
CA SER B 87 28.46 -12.75 -7.91
C SER B 87 28.16 -12.69 -9.41
N LEU B 88 28.60 -11.61 -10.03
CA LEU B 88 28.37 -11.40 -11.46
C LEU B 88 29.08 -12.46 -12.29
N ARG B 89 28.51 -12.77 -13.45
CA ARG B 89 28.98 -13.86 -14.29
C ARG B 89 28.97 -13.39 -15.74
N SER B 90 29.08 -14.34 -16.68
CA SER B 90 29.33 -14.00 -18.08
C SER B 90 28.25 -13.06 -18.63
N GLU B 91 26.97 -13.33 -18.32
CA GLU B 91 25.83 -12.73 -19.00
C GLU B 91 25.21 -11.58 -18.22
N ASP B 92 25.99 -10.88 -17.41
CA ASP B 92 25.44 -9.79 -16.59
C ASP B 92 25.57 -8.42 -17.24
N THR B 93 26.33 -8.30 -18.33
CA THR B 93 26.46 -7.03 -19.04
C THR B 93 25.09 -6.53 -19.48
N ALA B 94 24.70 -5.35 -19.01
CA ALA B 94 23.39 -4.86 -19.38
C ALA B 94 23.30 -3.37 -19.10
N ILE B 95 22.38 -2.73 -19.82
CA ILE B 95 21.86 -1.43 -19.43
C ILE B 95 20.80 -1.67 -18.35
N TYR B 96 20.98 -1.03 -17.20
CA TYR B 96 20.09 -1.16 -16.06
C TYR B 96 19.26 0.11 -15.93
N TYR B 97 17.94 -0.06 -15.84
CA TYR B 97 16.97 1.02 -15.77
C TYR B 97 16.23 0.94 -14.45
N CYS B 98 15.92 2.11 -13.89
CA CYS B 98 14.87 2.19 -12.88
C CYS B 98 13.64 2.84 -13.48
N ALA B 99 12.47 2.42 -13.01
CA ALA B 99 11.19 2.95 -13.44
C ALA B 99 10.22 2.96 -12.26
N ARG B 100 9.37 3.98 -12.20
CA ARG B 100 8.50 4.16 -11.04
C ARG B 100 7.10 3.63 -11.31
N ASP B 101 6.41 3.29 -10.22
CA ASP B 101 4.98 3.04 -10.28
C ASP B 101 4.37 3.46 -8.94
N LYS B 102 3.24 4.14 -8.99
CA LYS B 102 2.68 4.72 -7.77
C LYS B 102 2.11 3.64 -6.86
N VAL B 103 2.17 3.91 -5.58
CA VAL B 103 1.65 3.06 -4.53
C VAL B 103 0.23 3.49 -4.20
N ASP B 104 -0.59 2.56 -3.71
CA ASP B 104 -1.99 2.87 -3.47
C ASP B 104 -2.16 3.80 -2.27
N ASP B 105 -3.40 4.27 -2.07
CA ASP B 105 -3.67 5.29 -1.07
C ASP B 105 -3.43 4.83 0.37
N TYR B 106 -3.14 3.55 0.58
CA TYR B 106 -2.89 3.04 1.93
C TYR B 106 -1.41 2.83 2.20
N GLY B 107 -0.54 3.12 1.23
CA GLY B 107 0.88 2.89 1.38
C GLY B 107 1.36 1.51 0.95
N ASP B 108 0.46 0.66 0.49
CA ASP B 108 0.81 -0.70 0.09
C ASP B 108 1.04 -0.80 -1.41
N TYR B 109 1.74 -1.86 -1.81
CA TYR B 109 1.97 -2.15 -3.23
C TYR B 109 1.58 -3.62 -3.49
N TRP B 110 0.33 -3.90 -3.84
CA TRP B 110 -0.19 -5.22 -4.23
C TRP B 110 -0.54 -5.23 -5.71
N PHE B 111 -1.35 -4.28 -6.11
CA PHE B 111 -1.77 -4.16 -7.47
C PHE B 111 -1.16 -2.89 -8.02
N PRO B 112 -0.39 -2.97 -9.07
CA PRO B 112 0.20 -1.78 -9.65
C PRO B 112 -0.86 -0.88 -10.26
N THR B 113 -0.43 0.23 -10.83
CA THR B 113 -1.34 1.09 -11.57
C THR B 113 -1.21 0.81 -13.05
N LEU B 114 -2.30 1.03 -13.78
CA LEU B 114 -2.33 0.69 -15.20
C LEU B 114 -1.23 1.39 -15.97
N TRP B 115 -0.81 2.57 -15.54
CA TRP B 115 0.30 3.27 -16.18
C TRP B 115 1.63 3.03 -15.46
N TYR B 116 1.96 1.77 -15.16
CA TYR B 116 3.24 1.48 -14.53
C TYR B 116 4.38 1.76 -15.49
N PHE B 117 5.53 2.13 -14.92
CA PHE B 117 6.74 2.49 -15.69
C PHE B 117 6.47 3.69 -16.59
N ASP B 118 5.74 4.67 -16.07
CA ASP B 118 5.45 5.86 -16.89
C ASP B 118 6.69 6.72 -17.08
N TYR B 119 7.64 6.64 -16.15
CA TYR B 119 8.88 7.39 -16.24
C TYR B 119 10.05 6.46 -15.96
N TRP B 120 11.13 6.65 -16.70
CA TRP B 120 12.29 5.77 -16.64
C TRP B 120 13.54 6.57 -16.33
N GLY B 121 14.57 5.86 -15.87
CA GLY B 121 15.90 6.43 -15.84
C GLY B 121 16.44 6.54 -17.24
N GLN B 122 17.75 6.68 -17.40
CA GLN B 122 18.36 6.67 -18.71
C GLN B 122 19.32 5.51 -18.91
N GLY B 123 19.43 4.60 -17.94
CA GLY B 123 20.19 3.37 -18.07
C GLY B 123 21.66 3.50 -17.74
N THR B 124 22.23 2.46 -17.10
CA THR B 124 23.68 2.39 -16.85
C THR B 124 24.18 1.02 -17.27
N LEU B 125 25.29 0.98 -18.01
CA LEU B 125 25.88 -0.32 -18.35
C LEU B 125 26.74 -0.83 -17.20
N VAL B 126 26.46 -2.05 -16.78
CA VAL B 126 27.43 -2.86 -16.06
C VAL B 126 28.01 -3.86 -17.04
N THR B 127 29.33 -3.94 -17.10
CA THR B 127 30.03 -4.69 -18.14
C THR B 127 30.94 -5.73 -17.49
N VAL B 128 31.10 -6.86 -18.17
CA VAL B 128 31.89 -7.95 -17.65
C VAL B 128 33.26 -7.96 -18.34
N SER B 129 34.14 -8.84 -17.88
CA SER B 129 35.45 -9.00 -18.49
C SER B 129 35.89 -10.46 -18.55
N ALA C 9 9.09 -14.79 -21.76
CA ALA C 9 7.88 -15.59 -21.64
C ALA C 9 6.76 -15.02 -22.51
N LEU C 10 6.91 -13.76 -22.90
CA LEU C 10 6.01 -13.11 -23.86
C LEU C 10 6.68 -13.13 -25.21
N THR C 11 5.95 -13.57 -26.23
CA THR C 11 6.50 -13.75 -27.57
C THR C 11 5.91 -12.72 -28.53
N GLN C 12 6.76 -12.26 -29.45
CA GLN C 12 6.37 -11.35 -30.52
C GLN C 12 7.29 -11.63 -31.69
N PRO C 13 7.02 -11.03 -32.85
CA PRO C 13 7.97 -11.15 -33.96
C PRO C 13 9.35 -10.64 -33.58
N ALA C 14 10.29 -10.84 -34.50
CA ALA C 14 11.62 -10.29 -34.34
C ALA C 14 11.79 -8.98 -35.11
N SER C 15 11.09 -8.83 -36.23
CA SER C 15 11.18 -7.62 -37.03
C SER C 15 9.91 -7.50 -37.87
N VAL C 16 9.55 -6.25 -38.16
CA VAL C 16 8.33 -5.94 -38.89
C VAL C 16 8.59 -4.67 -39.70
N SER C 17 8.13 -4.64 -40.95
CA SER C 17 8.46 -3.56 -41.86
C SER C 17 7.22 -3.02 -42.56
N GLY C 18 7.33 -1.77 -43.02
CA GLY C 18 6.29 -1.11 -43.78
C GLY C 18 6.87 0.08 -44.51
N SER C 19 5.99 0.88 -45.09
CA SER C 19 6.37 2.04 -45.88
C SER C 19 5.50 3.24 -45.48
N PRO C 20 6.00 4.46 -45.68
CA PRO C 20 5.29 5.64 -45.18
C PRO C 20 3.86 5.72 -45.68
N GLY C 21 2.95 6.08 -44.77
CA GLY C 21 1.53 6.18 -45.05
C GLY C 21 0.72 4.97 -44.64
N GLN C 22 1.36 3.81 -44.48
CA GLN C 22 0.67 2.56 -44.25
C GLN C 22 0.45 2.32 -42.74
N SER C 23 -0.41 1.36 -42.43
CA SER C 23 -0.61 0.89 -41.08
C SER C 23 0.10 -0.45 -40.91
N ILE C 24 0.50 -0.72 -39.66
CA ILE C 24 1.29 -1.90 -39.35
C ILE C 24 1.02 -2.33 -37.92
N THR C 25 0.76 -3.62 -37.73
CA THR C 25 0.46 -4.17 -36.40
C THR C 25 1.55 -5.12 -35.93
N ILE C 26 1.89 -5.00 -34.65
CA ILE C 26 2.80 -5.92 -33.96
C ILE C 26 2.03 -6.58 -32.83
N SER C 27 2.13 -7.91 -32.78
CA SER C 27 1.39 -8.71 -31.82
C SER C 27 2.32 -9.18 -30.70
N CYS C 28 1.70 -9.64 -29.62
CA CYS C 28 2.37 -9.94 -28.37
C CYS C 28 1.55 -11.02 -27.68
N THR C 29 2.07 -12.25 -27.63
CA THR C 29 1.30 -13.41 -27.20
C THR C 29 1.83 -13.93 -25.87
N GLY C 30 0.92 -14.16 -24.92
CA GLY C 30 1.29 -14.69 -23.62
C GLY C 30 0.35 -15.75 -23.07
N THR C 31 0.14 -15.76 -21.76
CA THR C 31 -0.60 -16.79 -21.04
C THR C 31 -1.97 -16.26 -20.63
N SER C 32 -2.83 -17.19 -20.20
CA SER C 32 -3.94 -16.85 -19.33
C SER C 32 -3.48 -16.12 -18.07
N SER C 33 -2.22 -16.31 -17.67
CA SER C 33 -1.74 -15.80 -16.40
C SER C 33 -1.33 -14.33 -16.48
N ASP C 34 -0.86 -13.87 -17.64
CA ASP C 34 -0.36 -12.50 -17.78
C ASP C 34 -1.21 -11.66 -18.72
N VAL C 35 -1.33 -12.04 -19.98
CA VAL C 35 -1.92 -11.13 -20.98
C VAL C 35 -3.41 -11.38 -21.11
N GLY C 36 -3.79 -12.63 -21.37
CA GLY C 36 -5.20 -12.96 -21.49
C GLY C 36 -5.99 -12.85 -20.20
N GLY C 37 -5.32 -12.70 -19.06
CA GLY C 37 -6.01 -12.67 -17.79
C GLY C 37 -6.18 -11.29 -17.19
N PHE C 38 -5.45 -10.30 -17.69
CA PHE C 38 -5.47 -8.98 -17.10
C PHE C 38 -5.29 -7.93 -18.18
N ASN C 39 -5.84 -6.74 -17.92
CA ASN C 39 -5.63 -5.59 -18.79
C ASN C 39 -4.32 -4.88 -18.52
N TYR C 40 -3.40 -5.51 -17.80
CA TYR C 40 -2.14 -4.89 -17.43
C TYR C 40 -1.12 -5.03 -18.53
N VAL C 41 -1.50 -4.77 -19.77
CA VAL C 41 -0.58 -4.86 -20.89
C VAL C 41 -0.31 -3.45 -21.38
N SER C 42 0.93 -3.21 -21.78
CA SER C 42 1.31 -1.88 -22.24
C SER C 42 2.49 -1.96 -23.19
N TRP C 43 2.57 -0.98 -24.09
CA TRP C 43 3.57 -0.94 -25.15
C TRP C 43 4.54 0.21 -24.96
N PHE C 44 5.82 -0.07 -25.23
CA PHE C 44 6.94 0.85 -25.04
C PHE C 44 7.72 0.97 -26.34
N GLN C 45 8.22 2.18 -26.59
CA GLN C 45 9.01 2.50 -27.79
C GLN C 45 10.42 2.85 -27.36
N GLN C 46 11.39 2.02 -27.74
CA GLN C 46 12.79 2.24 -27.43
C GLN C 46 13.55 2.64 -28.68
N HIS C 47 14.29 3.72 -28.59
CA HIS C 47 15.26 4.10 -29.60
C HIS C 47 16.65 3.61 -29.20
N PRO C 48 17.55 3.44 -30.15
CA PRO C 48 18.90 2.94 -29.80
C PRO C 48 19.56 3.82 -28.75
N GLY C 49 20.04 3.17 -27.68
CA GLY C 49 20.65 3.87 -26.57
C GLY C 49 19.73 4.87 -25.89
N LYS C 50 18.53 4.44 -25.54
CA LYS C 50 17.56 5.34 -24.93
C LYS C 50 16.64 4.54 -24.02
N ALA C 51 16.06 5.23 -23.06
CA ALA C 51 15.09 4.60 -22.18
C ALA C 51 13.85 4.21 -22.98
N PRO C 52 13.25 3.06 -22.68
CA PRO C 52 11.95 2.76 -23.28
C PRO C 52 10.93 3.80 -22.83
N LYS C 53 10.14 4.28 -23.79
CA LYS C 53 9.10 5.26 -23.53
C LYS C 53 7.73 4.60 -23.57
N LEU C 54 6.93 4.82 -22.53
CA LEU C 54 5.58 4.26 -22.51
C LEU C 54 4.72 4.98 -23.52
N MET C 55 4.18 4.23 -24.49
CA MET C 55 3.28 4.78 -25.49
C MET C 55 1.85 4.29 -25.35
N LEU C 56 1.66 3.07 -24.85
CA LEU C 56 0.34 2.56 -24.55
C LEU C 56 0.36 1.89 -23.19
N TYR C 57 -0.76 1.98 -22.49
CA TYR C 57 -0.96 1.31 -21.21
C TYR C 57 -2.44 0.98 -21.08
N ASP C 58 -2.79 -0.10 -20.38
CA ASP C 58 -4.19 -0.53 -20.30
C ASP C 58 -4.73 -0.78 -21.69
N VAL C 59 -3.98 -1.58 -22.40
CA VAL C 59 -4.18 -1.92 -23.78
C VAL C 59 -4.64 -0.82 -24.69
N THR C 60 -5.55 0.04 -24.30
CA THR C 60 -5.90 1.06 -25.27
C THR C 60 -5.52 2.49 -24.89
N SER C 61 -5.04 2.74 -23.68
CA SER C 61 -4.89 4.10 -23.19
C SER C 61 -3.52 4.67 -23.55
N ARG C 62 -3.51 5.96 -23.91
CA ARG C 62 -2.34 6.67 -24.39
C ARG C 62 -1.96 7.79 -23.44
N PRO C 63 -0.71 7.89 -23.00
CA PRO C 63 -0.30 9.04 -22.20
C PRO C 63 -0.38 10.31 -23.02
N SER C 64 -0.56 11.43 -22.32
CA SER C 64 -0.57 12.71 -22.99
C SER C 64 0.75 12.92 -23.72
N GLY C 65 0.66 13.21 -25.01
CA GLY C 65 1.85 13.39 -25.83
C GLY C 65 1.89 12.44 -27.00
N VAL C 66 1.44 11.21 -26.79
CA VAL C 66 1.34 10.24 -27.88
C VAL C 66 0.14 10.57 -28.73
N SER C 67 0.31 10.53 -30.06
CA SER C 67 -0.75 10.92 -30.97
C SER C 67 -1.62 9.73 -31.34
N SER C 68 -2.73 10.02 -32.02
CA SER C 68 -3.80 9.05 -32.24
C SER C 68 -3.36 7.88 -33.11
N ARG C 69 -2.28 8.03 -33.86
CA ARG C 69 -1.85 6.99 -34.79
C ARG C 69 -1.65 5.64 -34.10
N PHE C 70 -1.05 5.65 -32.91
CA PHE C 70 -0.85 4.43 -32.15
C PHE C 70 -2.16 3.99 -31.52
N SER C 71 -2.43 2.68 -31.58
CA SER C 71 -3.56 2.17 -30.82
C SER C 71 -3.38 0.70 -30.50
N GLY C 72 -3.92 0.29 -29.36
CA GLY C 72 -3.78 -1.08 -28.91
C GLY C 72 -5.10 -1.82 -28.87
N SER C 73 -5.01 -3.14 -28.81
CA SER C 73 -6.19 -3.98 -28.66
C SER C 73 -5.73 -5.33 -28.13
N LYS C 74 -6.68 -6.09 -27.59
CA LYS C 74 -6.36 -7.38 -27.01
C LYS C 74 -7.38 -8.41 -27.48
N SER C 75 -6.90 -9.59 -27.83
CA SER C 75 -7.74 -10.69 -28.26
C SER C 75 -7.11 -11.99 -27.76
N GLY C 76 -7.86 -12.74 -26.97
CA GLY C 76 -7.33 -13.97 -26.41
C GLY C 76 -6.10 -13.69 -25.56
N ASN C 77 -5.00 -14.33 -25.91
CA ASN C 77 -3.73 -14.16 -25.20
C ASN C 77 -2.78 -13.21 -25.93
N THR C 78 -3.30 -12.43 -26.88
CA THR C 78 -2.46 -11.64 -27.78
C THR C 78 -2.92 -10.19 -27.80
N ALA C 79 -2.06 -9.29 -27.32
CA ALA C 79 -2.23 -7.88 -27.52
C ALA C 79 -1.60 -7.47 -28.84
N SER C 80 -2.08 -6.35 -29.39
CA SER C 80 -1.65 -5.89 -30.70
C SER C 80 -1.58 -4.38 -30.66
N LEU C 81 -0.38 -3.84 -30.89
CA LEU C 81 -0.18 -2.40 -31.06
C LEU C 81 0.00 -2.14 -32.54
N THR C 82 -0.80 -1.23 -33.09
CA THR C 82 -0.58 -0.87 -34.48
C THR C 82 -0.54 0.63 -34.70
N ILE C 83 0.31 1.01 -35.64
CA ILE C 83 0.61 2.38 -36.00
C ILE C 83 0.01 2.65 -37.37
N SER C 84 -0.76 3.73 -37.47
CA SER C 84 -1.32 4.19 -38.72
C SER C 84 -0.67 5.51 -39.11
N GLY C 85 -0.74 5.85 -40.39
CA GLY C 85 -0.05 7.03 -40.89
C GLY C 85 1.43 6.94 -40.61
N LEU C 86 2.04 5.83 -41.03
CA LEU C 86 3.44 5.53 -40.72
C LEU C 86 4.34 6.71 -41.06
N GLN C 87 5.33 6.94 -40.20
CA GLN C 87 6.33 7.99 -40.39
C GLN C 87 7.72 7.43 -40.14
N ALA C 88 8.72 8.20 -40.58
CA ALA C 88 10.11 7.72 -40.54
C ALA C 88 10.62 7.62 -39.11
N GLU C 89 10.24 8.57 -38.24
CA GLU C 89 10.70 8.55 -36.86
C GLU C 89 10.16 7.36 -36.08
N ASP C 90 9.03 6.78 -36.51
CA ASP C 90 8.49 5.58 -35.87
C ASP C 90 9.41 4.37 -35.99
N GLU C 91 10.48 4.47 -36.77
CA GLU C 91 11.51 3.44 -36.85
C GLU C 91 12.15 3.22 -35.49
N ALA C 92 11.91 2.05 -34.87
CA ALA C 92 12.34 1.88 -33.48
C ALA C 92 12.03 0.45 -33.04
N ASP C 93 12.48 0.11 -31.83
CA ASP C 93 12.13 -1.16 -31.23
C ASP C 93 10.87 -0.97 -30.40
N TYR C 94 9.99 -1.97 -30.42
CA TYR C 94 8.78 -1.91 -29.62
C TYR C 94 8.69 -3.14 -28.75
N TYR C 95 8.38 -2.92 -27.47
CA TYR C 95 8.29 -3.97 -26.46
C TYR C 95 6.92 -3.95 -25.79
N CYS C 96 6.36 -5.13 -25.57
CA CYS C 96 5.12 -5.25 -24.81
C CYS C 96 5.42 -5.79 -23.42
N SER C 97 4.70 -5.26 -22.43
CA SER C 97 4.88 -5.60 -21.03
C SER C 97 3.54 -6.01 -20.46
N SER C 98 3.57 -6.99 -19.56
CA SER C 98 2.35 -7.34 -18.83
C SER C 98 2.66 -7.73 -17.40
N HIS C 99 1.81 -7.28 -16.49
CA HIS C 99 1.78 -7.82 -15.13
C HIS C 99 1.26 -9.24 -15.19
N THR C 100 1.74 -10.07 -14.28
CA THR C 100 1.34 -11.47 -14.26
C THR C 100 0.40 -11.72 -13.08
N SER C 101 -0.12 -12.94 -13.03
CA SER C 101 -0.99 -13.32 -11.93
C SER C 101 -0.23 -13.43 -10.61
N ARG C 102 1.07 -13.72 -10.67
CA ARG C 102 1.89 -13.89 -9.47
C ARG C 102 2.47 -12.58 -8.97
N GLY C 103 2.02 -11.45 -9.50
CA GLY C 103 2.51 -10.16 -9.04
C GLY C 103 3.84 -9.75 -9.61
N THR C 104 4.25 -10.31 -10.74
CA THR C 104 5.52 -9.99 -11.39
C THR C 104 5.25 -9.38 -12.77
N TRP C 105 6.34 -8.98 -13.44
CA TRP C 105 6.26 -8.36 -14.74
C TRP C 105 7.03 -9.17 -15.77
N VAL C 106 6.49 -9.24 -16.98
CA VAL C 106 7.19 -9.91 -18.08
C VAL C 106 7.15 -9.02 -19.31
N PHE C 107 8.19 -9.12 -20.13
CA PHE C 107 8.29 -8.39 -21.39
C PHE C 107 8.30 -9.38 -22.55
N GLY C 108 8.12 -8.83 -23.75
CA GLY C 108 8.34 -9.58 -24.97
C GLY C 108 9.80 -9.51 -25.41
N GLY C 109 10.09 -10.20 -26.50
CA GLY C 109 11.43 -10.14 -27.04
C GLY C 109 11.77 -8.87 -27.79
N GLY C 110 10.78 -8.01 -28.02
CA GLY C 110 11.00 -6.80 -28.79
C GLY C 110 10.94 -7.04 -30.28
N THR C 111 10.41 -6.09 -31.03
CA THR C 111 10.42 -6.16 -32.49
C THR C 111 11.02 -4.88 -33.04
N LYS C 112 12.01 -5.03 -33.91
CA LYS C 112 12.62 -3.90 -34.60
C LYS C 112 11.74 -3.51 -35.78
N LEU C 113 11.05 -2.38 -35.68
CA LEU C 113 10.24 -1.86 -36.77
C LEU C 113 11.10 -0.96 -37.65
N THR C 114 11.22 -1.35 -38.91
CA THR C 114 11.94 -0.63 -39.94
C THR C 114 10.94 -0.08 -40.95
N VAL C 115 11.09 1.20 -41.31
CA VAL C 115 10.34 1.79 -42.42
C VAL C 115 11.34 2.09 -43.53
N LEU C 116 10.99 1.69 -44.75
CA LEU C 116 11.85 1.93 -45.89
C LEU C 116 11.55 3.29 -46.52
N ALA C 117 12.22 3.57 -47.64
CA ALA C 117 12.16 4.89 -48.27
C ALA C 117 11.01 5.00 -49.26
N ALA C 118 10.98 4.14 -50.27
CA ALA C 118 9.95 4.21 -51.31
C ALA C 118 8.59 3.74 -50.79
C1 NAG D . 27.11 -13.78 34.93
C2 NAG D . 28.60 -13.49 35.20
C3 NAG D . 29.48 -14.18 34.14
C4 NAG D . 29.08 -13.77 32.72
C5 NAG D . 27.56 -13.66 32.61
C6 NAG D . 27.04 -14.23 31.31
C7 NAG D . 29.43 -11.41 36.22
C8 NAG D . 29.84 -12.26 37.40
N2 NAG D . 28.85 -12.06 35.22
O3 NAG D . 29.41 -15.59 34.30
O4 NAG D . 29.68 -12.54 32.36
O5 NAG D . 26.96 -14.41 33.67
O6 NAG D . 25.85 -15.00 31.51
O7 NAG D . 29.62 -10.20 36.21
C1 FUC D . 26.16 -16.41 31.60
C2 FUC D . 25.76 -17.07 30.31
C3 FUC D . 25.88 -18.57 30.46
C4 FUC D . 27.27 -19.03 30.99
C5 FUC D . 27.98 -18.00 31.93
C6 FUC D . 27.88 -18.35 33.43
O2 FUC D . 26.53 -16.60 29.20
O3 FUC D . 24.89 -19.03 31.39
O4 FUC D . 27.13 -20.26 31.69
O5 FUC D . 27.54 -16.62 31.80
C1 GOL E . -1.63 -15.35 31.58
O1 GOL E . -0.38 -14.94 31.09
C2 GOL E . -2.62 -14.18 31.31
O2 GOL E . -2.70 -13.89 29.96
C3 GOL E . -3.98 -14.63 31.92
O3 GOL E . -4.87 -13.53 31.83
S SO4 F . 8.32 0.59 20.34
O1 SO4 F . 8.62 1.55 21.41
O2 SO4 F . 7.80 -0.65 20.91
O3 SO4 F . 9.55 0.32 19.60
O4 SO4 F . 7.33 1.16 19.43
S SO4 G . 13.37 0.16 25.03
O1 SO4 G . 12.60 1.06 25.88
O2 SO4 G . 14.32 -0.61 25.83
O3 SO4 G . 12.45 -0.76 24.35
O4 SO4 G . 14.11 0.95 24.03
S SO4 H . -21.26 17.70 13.74
O1 SO4 H . -21.47 17.67 15.19
O2 SO4 H . -19.93 18.24 13.44
O3 SO4 H . -22.27 18.56 13.11
O4 SO4 H . -21.37 16.34 13.22
S SO4 I . -0.77 -7.78 39.25
O1 SO4 I . -2.00 -7.29 39.89
O2 SO4 I . 0.38 -7.50 40.12
O3 SO4 I . -0.87 -9.21 39.01
O4 SO4 I . -0.56 -7.09 37.99
S SO4 J . 2.76 12.73 -34.98
O1 SO4 J . 2.32 13.59 -33.88
O2 SO4 J . 4.14 13.08 -35.34
O3 SO4 J . 1.88 12.90 -36.12
O4 SO4 J . 2.72 11.33 -34.54
S SO4 K . 8.57 -14.90 -11.99
O1 SO4 K . 7.99 -14.95 -10.64
O2 SO4 K . 9.86 -14.22 -11.93
O3 SO4 K . 8.74 -16.27 -12.47
O4 SO4 K . 7.67 -14.17 -12.89
#